data_1VTG
# 
_entry.id   1VTG 
# 
_audit_conform.dict_name       mmcif_pdbx.dic 
_audit_conform.dict_version    5.383 
_audit_conform.dict_location   http://mmcif.pdb.org/dictionaries/ascii/mmcif_pdbx.dic 
# 
loop_
_database_2.database_id 
_database_2.database_code 
_database_2.pdbx_database_accession 
_database_2.pdbx_DOI 
PDB   1VTG         pdb_00001vtg 10.2210/pdb1vtg/pdb 
NDB   DDF007       ?            ?                   
RCSB  RCSB003040   ?            ?                   
WWPDB D_1000003040 ?            ?                   
# 
loop_
_pdbx_audit_revision_history.ordinal 
_pdbx_audit_revision_history.data_content_type 
_pdbx_audit_revision_history.major_revision 
_pdbx_audit_revision_history.minor_revision 
_pdbx_audit_revision_history.revision_date 
1 'Structure model' 1 0 2011-07-13 
2 'Structure model' 1 1 2011-10-05 
3 'Structure model' 1 2 2012-02-22 
4 'Structure model' 1 3 2012-12-12 
5 'Structure model' 1 4 2018-10-10 
6 'Structure model' 1 5 2023-12-27 
# 
_pdbx_audit_revision_details.ordinal             1 
_pdbx_audit_revision_details.revision_ordinal    1 
_pdbx_audit_revision_details.data_content_type   'Structure model' 
_pdbx_audit_revision_details.provider            repository 
_pdbx_audit_revision_details.type                'Initial release' 
_pdbx_audit_revision_details.description         ? 
_pdbx_audit_revision_details.details             ? 
# 
loop_
_pdbx_audit_revision_group.ordinal 
_pdbx_audit_revision_group.revision_ordinal 
_pdbx_audit_revision_group.data_content_type 
_pdbx_audit_revision_group.group 
1  2 'Structure model' 'Derived calculations' 
2  2 'Structure model' 'Structure summary'    
3  3 'Structure model' 'Structure summary'    
4  4 'Structure model' Other                  
5  5 'Structure model' Advisory               
6  5 'Structure model' 'Data collection'      
7  5 'Structure model' 'Database references'  
8  5 'Structure model' 'Source and taxonomy'  
9  6 'Structure model' 'Data collection'      
10 6 'Structure model' 'Database references'  
11 6 'Structure model' 'Derived calculations' 
# 
loop_
_pdbx_audit_revision_category.ordinal 
_pdbx_audit_revision_category.revision_ordinal 
_pdbx_audit_revision_category.data_content_type 
_pdbx_audit_revision_category.category 
1 5 'Structure model' citation                      
2 5 'Structure model' citation_author               
3 5 'Structure model' pdbx_entity_src_syn           
4 5 'Structure model' pdbx_validate_polymer_linkage 
5 6 'Structure model' chem_comp_atom                
6 6 'Structure model' chem_comp_bond                
7 6 'Structure model' database_2                    
8 6 'Structure model' struct_conn                   
# 
loop_
_pdbx_audit_revision_item.ordinal 
_pdbx_audit_revision_item.revision_ordinal 
_pdbx_audit_revision_item.data_content_type 
_pdbx_audit_revision_item.item 
1  5 'Structure model' '_citation.journal_abbrev'            
2  5 'Structure model' '_citation.pdbx_database_id_DOI'      
3  5 'Structure model' '_citation.pdbx_database_id_PubMed'   
4  5 'Structure model' '_citation.title'                     
5  5 'Structure model' '_citation_author.name'               
6  6 'Structure model' '_database_2.pdbx_DOI'                
7  6 'Structure model' '_database_2.pdbx_database_accession' 
8  6 'Structure model' '_struct_conn.pdbx_dist_value'        
9  6 'Structure model' '_struct_conn.pdbx_leaving_atom_flag' 
10 6 'Structure model' '_struct_conn.pdbx_value_order'       
11 6 'Structure model' '_struct_conn.ptnr1_auth_comp_id'     
12 6 'Structure model' '_struct_conn.ptnr1_auth_seq_id'      
13 6 'Structure model' '_struct_conn.ptnr1_label_asym_id'    
14 6 'Structure model' '_struct_conn.ptnr1_label_atom_id'    
15 6 'Structure model' '_struct_conn.ptnr1_label_comp_id'    
16 6 'Structure model' '_struct_conn.ptnr1_label_seq_id'     
17 6 'Structure model' '_struct_conn.ptnr2_auth_comp_id'     
18 6 'Structure model' '_struct_conn.ptnr2_auth_seq_id'      
19 6 'Structure model' '_struct_conn.ptnr2_label_asym_id'    
20 6 'Structure model' '_struct_conn.ptnr2_label_atom_id'    
21 6 'Structure model' '_struct_conn.ptnr2_label_comp_id'    
22 6 'Structure model' '_struct_conn.ptnr2_label_seq_id'     
# 
_pdbx_database_status.status_code                     REL 
_pdbx_database_status.entry_id                        1VTG 
_pdbx_database_status.recvd_initial_deposition_date   1988-08-18 
_pdbx_database_status.deposit_site                    RCSB 
_pdbx_database_status.process_site                    RCSB 
_pdbx_database_status.SG_entry                        ? 
_pdbx_database_status.status_code_sf                  ? 
_pdbx_database_status.status_code_mr                  ? 
_pdbx_database_status.status_code_cs                  ? 
_pdbx_database_status.methods_development_category    ? 
_pdbx_database_status.pdb_format_compatible           Y 
_pdbx_database_status.status_code_nmr_data            ? 
# 
loop_
_audit_author.name 
_audit_author.pdbx_ordinal 
'Wang, A.H.-J.'       1 
'Ughetto, G.'         2 
'Quigley, G.J.'       3 
'Hakoshima, T.'       4 
'Van Der Marel, G.A.' 5 
'Van Boom, J.H.'      6 
'Rich, A.'            7 
# 
loop_
_citation.id 
_citation.title 
_citation.journal_abbrev 
_citation.journal_volume 
_citation.page_first 
_citation.page_last 
_citation.year 
_citation.journal_id_ASTM 
_citation.country 
_citation.journal_id_ISSN 
_citation.journal_id_CSD 
_citation.book_publisher 
_citation.pdbx_database_id_PubMed 
_citation.pdbx_database_id_DOI 
primary 'The molecular structure of a DNA-triostin A complex.'                                                         Science 225 
1115 1121 1984 SCIEAS US 0036-8075 0038 ? 6474168 ?                              
1       'A comparison of the structure of echinomycin and triostin A complexed to a DNA fragment.'                     
'Nucleic Acids Res.'      13  2305 2323 1985 NARHAD UK 0305-1048 0389 ? 4000957 ?                              
2       'Interactions of quinoxaline antibiotic and DNA: the molecular structure of a triostin A-d(GCGTACGC) complex.' 
'J. Biomol. Struct. Dyn.' 4   319  342  1986 JBSDD6 US 0739-1102 0646 ? 3271447 10.1080/07391102.1986.10506353 
# 
loop_
_citation_author.citation_id 
_citation_author.name 
_citation_author.ordinal 
_citation_author.identifier_ORCID 
primary 'Wang, A.H.'          1  ? 
primary 'Ughetto, G.'         2  ? 
primary 'Quigley, G.J.'       3  ? 
primary 'Hakoshima, T.'       4  ? 
primary 'van der Marel, G.A.' 5  ? 
primary 'van Boom, J.H.'      6  ? 
primary 'Rich, A.'            7  ? 
1       'Ughetto, G.'         8  ? 
1       'Wang, A.H.'          9  ? 
1       'Quigley, G.J.'       10 ? 
1       'van der Marel, G.A.' 11 ? 
1       'van Boom, J.H.'      12 ? 
1       'Rich, A.'            13 ? 
2       'Wang, A.H.'          14 ? 
2       'Ughetto, G.'         15 ? 
2       'Quigley, G.J.'       16 ? 
2       'Rich, A.'            17 ? 
# 
loop_
_entity.id 
_entity.type 
_entity.src_method 
_entity.pdbx_description 
_entity.formula_weight 
_entity.pdbx_number_of_molecules 
_entity.pdbx_ec 
_entity.pdbx_mutation 
_entity.pdbx_fragment 
_entity.details 
1 polymer     syn 
;DNA (5'-D(*CP*GP*TP*AP*CP*G)-3')
;
1809.217 1 ? ? ? ? 
2 polymer     syn 'triostin A'                       794.982  1 ? ? ? ? 
3 non-polymer syn 2-CARBOXYQUINOXALINE               174.156  2 ? ? ? ? 
# 
loop_
_entity_poly.entity_id 
_entity_poly.type 
_entity_poly.nstd_linkage 
_entity_poly.nstd_monomer 
_entity_poly.pdbx_seq_one_letter_code 
_entity_poly.pdbx_seq_one_letter_code_can 
_entity_poly.pdbx_strand_id 
_entity_poly.pdbx_target_identifier 
1 polydeoxyribonucleotide no no  '(DC)(DG)(DT)(DA)(DC)(DG)'         CGTACG   A ? 
2 'polypeptide(L)'        no yes '(DSN)A(NCY)(MVA)(DSN)A(NCY)(MVA)' SAXVSAXV B ? 
# 
_pdbx_entity_nonpoly.entity_id   3 
_pdbx_entity_nonpoly.name        2-CARBOXYQUINOXALINE 
_pdbx_entity_nonpoly.comp_id     QUI 
# 
loop_
_entity_poly_seq.entity_id 
_entity_poly_seq.num 
_entity_poly_seq.mon_id 
_entity_poly_seq.hetero 
1 1 DC  n 
1 2 DG  n 
1 3 DT  n 
1 4 DA  n 
1 5 DC  n 
1 6 DG  n 
2 1 DSN n 
2 2 ALA n 
2 3 NCY n 
2 4 MVA n 
2 5 DSN n 
2 6 ALA n 
2 7 NCY n 
2 8 MVA n 
# 
loop_
_pdbx_entity_src_syn.entity_id 
_pdbx_entity_src_syn.pdbx_src_id 
_pdbx_entity_src_syn.pdbx_alt_source_flag 
_pdbx_entity_src_syn.pdbx_beg_seq_num 
_pdbx_entity_src_syn.pdbx_end_seq_num 
_pdbx_entity_src_syn.organism_scientific 
_pdbx_entity_src_syn.organism_common_name 
_pdbx_entity_src_syn.ncbi_taxonomy_id 
_pdbx_entity_src_syn.details 
1 1 sample ? ? 'synthetic construct' ? 32630 ? 
2 1 sample ? ? 'Streptomyces sp.'    ? 1931  ? 
# 
loop_
_chem_comp.id 
_chem_comp.type 
_chem_comp.mon_nstd_flag 
_chem_comp.name 
_chem_comp.pdbx_synonyms 
_chem_comp.formula 
_chem_comp.formula_weight 
ALA 'L-peptide linking' y ALANINE                              ? 'C3 H7 N O2'      89.093  
DA  'DNA linking'       y "2'-DEOXYADENOSINE-5'-MONOPHOSPHATE" ? 'C10 H14 N5 O6 P' 331.222 
DC  'DNA linking'       y "2'-DEOXYCYTIDINE-5'-MONOPHOSPHATE"  ? 'C9 H14 N3 O7 P'  307.197 
DG  'DNA linking'       y "2'-DEOXYGUANOSINE-5'-MONOPHOSPHATE" ? 'C10 H14 N5 O7 P' 347.221 
DSN 'D-peptide linking' . D-SERINE                             ? 'C3 H7 N O3'      105.093 
DT  'DNA linking'       y "THYMIDINE-5'-MONOPHOSPHATE"         ? 'C10 H15 N2 O8 P' 322.208 
MVA 'L-peptide linking' n N-METHYLVALINE                       ? 'C6 H13 N O2'     131.173 
NCY 'L-peptide linking' . N-METHYLCYSTEINE                     ? 'C4 H9 N O2 S'    135.185 
QUI non-polymer         . 2-CARBOXYQUINOXALINE                 ? 'C9 H6 N2 O2'     174.156 
# 
loop_
_pdbx_poly_seq_scheme.asym_id 
_pdbx_poly_seq_scheme.entity_id 
_pdbx_poly_seq_scheme.seq_id 
_pdbx_poly_seq_scheme.mon_id 
_pdbx_poly_seq_scheme.ndb_seq_num 
_pdbx_poly_seq_scheme.pdb_seq_num 
_pdbx_poly_seq_scheme.auth_seq_num 
_pdbx_poly_seq_scheme.pdb_mon_id 
_pdbx_poly_seq_scheme.auth_mon_id 
_pdbx_poly_seq_scheme.pdb_strand_id 
_pdbx_poly_seq_scheme.pdb_ins_code 
_pdbx_poly_seq_scheme.hetero 
A 1 1 DC  1 1 1 DC  DC  A . n 
A 1 2 DG  2 2 2 DG  DG  A . n 
A 1 3 DT  3 3 3 DT  DT  A . n 
A 1 4 DA  4 4 4 DA  DA  A . n 
A 1 5 DC  5 5 5 DC  DC  A . n 
A 1 6 DG  6 6 6 DG  DG  A . n 
B 2 1 DSN 1 1 1 DSN DSN B . n 
B 2 2 ALA 2 2 2 ALA ALA B . n 
B 2 3 NCY 3 3 3 NCY NCY B . n 
B 2 4 MVA 4 4 4 MVA MVA B . n 
B 2 5 DSN 5 5 5 DSN DSN B . n 
B 2 6 ALA 6 6 6 ALA ALA B . n 
B 2 7 NCY 7 7 7 NCY NCY B . n 
B 2 8 MVA 8 8 8 MVA MVA B . n 
# 
loop_
_pdbx_nonpoly_scheme.asym_id 
_pdbx_nonpoly_scheme.entity_id 
_pdbx_nonpoly_scheme.mon_id 
_pdbx_nonpoly_scheme.ndb_seq_num 
_pdbx_nonpoly_scheme.pdb_seq_num 
_pdbx_nonpoly_scheme.auth_seq_num 
_pdbx_nonpoly_scheme.pdb_mon_id 
_pdbx_nonpoly_scheme.auth_mon_id 
_pdbx_nonpoly_scheme.pdb_strand_id 
_pdbx_nonpoly_scheme.pdb_ins_code 
C 3 QUI 1 0 0 QUI QUI B . 
D 3 QUI 1 9 9 QUI QUI B . 
# 
_software.name             NUCLSQ 
_software.classification   refinement 
_software.version          . 
_software.citation_id      ? 
_software.pdbx_ordinal     1 
# 
_cell.entry_id           1VTG 
_cell.length_a           31.350 
_cell.length_b           62.380 
_cell.length_c           61.260 
_cell.angle_alpha        90.00 
_cell.angle_beta         90.00 
_cell.angle_gamma        90.00 
_cell.Z_PDB              16 
_cell.pdbx_unique_axis   ? 
_cell.length_a_esd       ? 
_cell.length_b_esd       ? 
_cell.length_c_esd       ? 
_cell.angle_alpha_esd    ? 
_cell.angle_beta_esd     ? 
_cell.angle_gamma_esd    ? 
# 
_symmetry.entry_id                         1VTG 
_symmetry.space_group_name_H-M             'F 2 2 2' 
_symmetry.pdbx_full_space_group_name_H-M   ? 
_symmetry.cell_setting                     ? 
_symmetry.Int_Tables_number                22 
_symmetry.space_group_name_Hall            ? 
# 
_exptl.entry_id          1VTG 
_exptl.method            'X-RAY DIFFRACTION' 
_exptl.crystals_number   ? 
# 
_exptl_crystal.id                    1 
_exptl_crystal.density_meas          ? 
_exptl_crystal.density_percent_sol   70.28 
_exptl_crystal.density_Matthews      4.14 
_exptl_crystal.description           ? 
_exptl_crystal.F_000                 ? 
_exptl_crystal.preparation           ? 
# 
_exptl_crystal_grow.crystal_id      1 
_exptl_crystal_grow.method          'VAPOR DIFFUSION' 
_exptl_crystal_grow.temp            ? 
_exptl_crystal_grow.temp_details    ? 
_exptl_crystal_grow.pH              7.00 
_exptl_crystal_grow.pdbx_details    'pH 7.00, VAPOR DIFFUSION' 
_exptl_crystal_grow.pdbx_pH_range   . 
# 
loop_
_exptl_crystal_grow_comp.crystal_id 
_exptl_crystal_grow_comp.id 
_exptl_crystal_grow_comp.sol_id 
_exptl_crystal_grow_comp.name 
_exptl_crystal_grow_comp.volume 
_exptl_crystal_grow_comp.conc 
_exptl_crystal_grow_comp.details 
1 1 1 WATER           1  2  3  
1 2 1 MPD             4  5  6  
1 3 1 'NA CACODYLATE' 7  8  9  
1 4 1 MGCL2           10 11 12 
1 5 2 WATER           13 14 15 
1 6 2 MPD             16 17 18 
# 
_diffrn.id                     1 
_diffrn.ambient_temp           257.00 
_diffrn.ambient_temp_details   ? 
_diffrn.crystal_id             1 
# 
_diffrn_detector.diffrn_id              1 
_diffrn_detector.detector               DIFFRACTOMETER 
_diffrn_detector.type                   'NICOLET P3' 
_diffrn_detector.pdbx_collection_date   ? 
_diffrn_detector.details                ? 
# 
_diffrn_radiation.diffrn_id                        1 
_diffrn_radiation.wavelength_id                    1 
_diffrn_radiation.pdbx_monochromatic_or_laue_m_l   M 
_diffrn_radiation.monochromator                    ? 
_diffrn_radiation.pdbx_diffrn_protocol             'SINGLE WAVELENGTH' 
_diffrn_radiation.pdbx_scattering_type             x-ray 
# 
_diffrn_radiation_wavelength.id           1 
_diffrn_radiation_wavelength.wavelength   . 
_diffrn_radiation_wavelength.wt           1.0 
# 
_reflns.entry_id                     1VTG 
_reflns.observed_criterion_sigma_I   1.000 
_reflns.observed_criterion_sigma_F   ? 
_reflns.d_resolution_low             ? 
_reflns.d_resolution_high            ? 
_reflns.number_obs                   2995 
_reflns.number_all                   ? 
_reflns.percent_possible_obs         ? 
_reflns.pdbx_Rmerge_I_obs            ? 
_reflns.pdbx_Rsym_value              ? 
_reflns.pdbx_netI_over_sigmaI        ? 
_reflns.B_iso_Wilson_estimate        ? 
_reflns.pdbx_redundancy              ? 
_reflns.R_free_details               ? 
_reflns.pdbx_ordinal                 1 
_reflns.pdbx_diffrn_id               1 
_reflns.pdbx_chi_squared             ? 
_reflns.pdbx_scaling_rejects         ? 
# 
_refine.entry_id                                 1VTG 
_refine.ls_number_reflns_obs                     ? 
_refine.ls_number_reflns_all                     ? 
_refine.pdbx_ls_sigma_I                          ? 
_refine.pdbx_ls_sigma_F                          ? 
_refine.pdbx_data_cutoff_high_absF               ? 
_refine.pdbx_data_cutoff_low_absF                ? 
_refine.pdbx_data_cutoff_high_rms_absF           ? 
_refine.ls_d_res_low                             ? 
_refine.ls_d_res_high                            1.670 
_refine.ls_percent_reflns_obs                    ? 
_refine.ls_R_factor_obs                          0.1890000 
_refine.ls_R_factor_all                          ? 
_refine.ls_R_factor_R_work                       ? 
_refine.ls_R_factor_R_free                       ? 
_refine.ls_R_factor_R_free_error                 ? 
_refine.ls_R_factor_R_free_error_details         ? 
_refine.ls_percent_reflns_R_free                 ? 
_refine.ls_number_reflns_R_free                  ? 
_refine.ls_number_parameters                     ? 
_refine.ls_number_restraints                     ? 
_refine.occupancy_min                            ? 
_refine.occupancy_max                            ? 
_refine.B_iso_mean                               ? 
_refine.aniso_B[1][1]                            ? 
_refine.aniso_B[2][2]                            ? 
_refine.aniso_B[3][3]                            ? 
_refine.aniso_B[1][2]                            ? 
_refine.aniso_B[1][3]                            ? 
_refine.aniso_B[2][3]                            ? 
_refine.solvent_model_details                    ? 
_refine.solvent_model_param_ksol                 ? 
_refine.solvent_model_param_bsol                 ? 
_refine.pdbx_ls_cross_valid_method               ? 
_refine.details                                  
;COORDINATES ARE REPORTED IN THE JRNL REFERENCE PAPER
AS A COMPARISON.
;
_refine.pdbx_starting_model                      ? 
_refine.pdbx_method_to_determine_struct          ? 
_refine.pdbx_isotropic_thermal_model             ? 
_refine.pdbx_stereochemistry_target_values       ? 
_refine.pdbx_stereochem_target_val_spec_case     ? 
_refine.pdbx_R_Free_selection_details            ? 
_refine.pdbx_overall_ESU_R_Free                  ? 
_refine.overall_SU_ML                            ? 
_refine.overall_SU_B                             ? 
_refine.ls_redundancy_reflns_obs                 ? 
_refine.correlation_coeff_Fo_to_Fc               ? 
_refine.overall_SU_R_Cruickshank_DPI             ? 
_refine.overall_SU_R_free                        ? 
_refine.correlation_coeff_Fo_to_Fc_free          ? 
_refine.pdbx_solvent_vdw_probe_radii             ? 
_refine.pdbx_solvent_ion_probe_radii             ? 
_refine.pdbx_solvent_shrinkage_radii             ? 
_refine.pdbx_refine_id                           'X-RAY DIFFRACTION' 
_refine.pdbx_diffrn_id                           1 
_refine.pdbx_overall_phase_error                 ? 
_refine.ls_wR_factor_R_free                      ? 
_refine.ls_wR_factor_R_work                      ? 
_refine.overall_FOM_free_R_set                   ? 
_refine.overall_FOM_work_R_set                   ? 
_refine.pdbx_overall_ESU_R                       ? 
_refine.pdbx_TLS_residual_ADP_flag               ? 
_refine.pdbx_overall_SU_R_free_Cruickshank_DPI   ? 
_refine.pdbx_overall_SU_R_Blow_DPI               ? 
_refine.pdbx_overall_SU_R_free_Blow_DPI          ? 
# 
_refine_hist.pdbx_refine_id                   'X-RAY DIFFRACTION' 
_refine_hist.cycle_id                         LAST 
_refine_hist.pdbx_number_atoms_protein        52 
_refine_hist.pdbx_number_atoms_nucleic_acid   120 
_refine_hist.pdbx_number_atoms_ligand         24 
_refine_hist.number_atoms_solvent             0 
_refine_hist.number_atoms_total               196 
_refine_hist.d_res_high                       1.670 
_refine_hist.d_res_low                        . 
# 
_struct.entry_id                  1VTG 
_struct.title                     'THE MOLECULAR STRUCTURE OF A DNA-TRIOSTIN A COMPLEX' 
_struct.pdbx_model_details        ? 
_struct.pdbx_CASP_flag            ? 
_struct.pdbx_model_type_details   ? 
# 
_struct_keywords.entry_id        1VTG 
_struct_keywords.pdbx_keywords   DNA/ANTIBIOTIC 
_struct_keywords.text            'BISINTERCALATOR, DEPSIPEPTIDE, QUINOXALINE, ANTIBIOTIC, ANTITUMOR, DNA-ANTIBIOTIC COMPLEX' 
# 
loop_
_struct_asym.id 
_struct_asym.pdbx_blank_PDB_chainid_flag 
_struct_asym.pdbx_modified 
_struct_asym.entity_id 
_struct_asym.details 
A N N 1 ? 
B N N 2 ? 
C N N 3 ? 
D N N 3 ? 
# 
loop_
_struct_ref.id 
_struct_ref.db_name 
_struct_ref.db_code 
_struct_ref.pdbx_db_accession 
_struct_ref.entity_id 
_struct_ref.pdbx_align_begin 
_struct_ref.pdbx_seq_one_letter_code 
_struct_ref.pdbx_db_isoform 
1 PDB 1VTG     1VTG     1 ? ? ? 
2 NOR NOR01129 NOR01129 2 ? ? ? 
# 
loop_
_struct_ref_seq.align_id 
_struct_ref_seq.ref_id 
_struct_ref_seq.pdbx_PDB_id_code 
_struct_ref_seq.pdbx_strand_id 
_struct_ref_seq.seq_align_beg 
_struct_ref_seq.pdbx_seq_align_beg_ins_code 
_struct_ref_seq.seq_align_end 
_struct_ref_seq.pdbx_seq_align_end_ins_code 
_struct_ref_seq.pdbx_db_accession 
_struct_ref_seq.db_align_beg 
_struct_ref_seq.pdbx_db_align_beg_ins_code 
_struct_ref_seq.db_align_end 
_struct_ref_seq.pdbx_db_align_end_ins_code 
_struct_ref_seq.pdbx_auth_seq_align_beg 
_struct_ref_seq.pdbx_auth_seq_align_end 
1 1 1VTG A 1 ? 6 ? 1VTG     1 ? 6 ? 1 6 
2 2 1VTG B 1 ? 8 ? NOR01129 1 ? 8 ? 1 8 
# 
_pdbx_struct_assembly.id                   1 
_pdbx_struct_assembly.details              author_defined_assembly 
_pdbx_struct_assembly.method_details       ? 
_pdbx_struct_assembly.oligomeric_details   tetrameric 
_pdbx_struct_assembly.oligomeric_count     4 
# 
_pdbx_struct_assembly_gen.assembly_id       1 
_pdbx_struct_assembly_gen.oper_expression   1,2 
_pdbx_struct_assembly_gen.asym_id_list      A,B,C,D 
# 
loop_
_pdbx_struct_oper_list.id 
_pdbx_struct_oper_list.type 
_pdbx_struct_oper_list.name 
_pdbx_struct_oper_list.symmetry_operation 
_pdbx_struct_oper_list.matrix[1][1] 
_pdbx_struct_oper_list.matrix[1][2] 
_pdbx_struct_oper_list.matrix[1][3] 
_pdbx_struct_oper_list.vector[1] 
_pdbx_struct_oper_list.matrix[2][1] 
_pdbx_struct_oper_list.matrix[2][2] 
_pdbx_struct_oper_list.matrix[2][3] 
_pdbx_struct_oper_list.vector[2] 
_pdbx_struct_oper_list.matrix[3][1] 
_pdbx_struct_oper_list.matrix[3][2] 
_pdbx_struct_oper_list.matrix[3][3] 
_pdbx_struct_oper_list.vector[3] 
1 'identity operation'         1_555 x,y,z   1.0000000000  0.0000000000 0.0000000000 0.0000000000  0.0000000000 1.0000000000 0.0000000000 0.0000000000  0.0000000000 0.0000000000 1.0000000000  0.0000000000   
2 'crystal symmetry operation' 2_555 -x,-y,z -0.8968442834 0.4396898697 0.0484060936 11.6594134578 0.4396898697 0.8741295956 0.2063256374 -0.8491174615 0.0484060936 0.2063256374 -0.9772853122 -17.1339338334 
# 
loop_
_struct_conn.id 
_struct_conn.conn_type_id 
_struct_conn.pdbx_leaving_atom_flag 
_struct_conn.pdbx_PDB_id 
_struct_conn.ptnr1_label_asym_id 
_struct_conn.ptnr1_label_comp_id 
_struct_conn.ptnr1_label_seq_id 
_struct_conn.ptnr1_label_atom_id 
_struct_conn.pdbx_ptnr1_label_alt_id 
_struct_conn.pdbx_ptnr1_PDB_ins_code 
_struct_conn.pdbx_ptnr1_standard_comp_id 
_struct_conn.ptnr1_symmetry 
_struct_conn.ptnr2_label_asym_id 
_struct_conn.ptnr2_label_comp_id 
_struct_conn.ptnr2_label_seq_id 
_struct_conn.ptnr2_label_atom_id 
_struct_conn.pdbx_ptnr2_label_alt_id 
_struct_conn.pdbx_ptnr2_PDB_ins_code 
_struct_conn.ptnr1_auth_asym_id 
_struct_conn.ptnr1_auth_comp_id 
_struct_conn.ptnr1_auth_seq_id 
_struct_conn.ptnr2_auth_asym_id 
_struct_conn.ptnr2_auth_comp_id 
_struct_conn.ptnr2_auth_seq_id 
_struct_conn.ptnr2_symmetry 
_struct_conn.pdbx_ptnr3_label_atom_id 
_struct_conn.pdbx_ptnr3_label_seq_id 
_struct_conn.pdbx_ptnr3_label_comp_id 
_struct_conn.pdbx_ptnr3_label_asym_id 
_struct_conn.pdbx_ptnr3_label_alt_id 
_struct_conn.pdbx_ptnr3_PDB_ins_code 
_struct_conn.details 
_struct_conn.pdbx_dist_value 
_struct_conn.pdbx_value_order 
_struct_conn.pdbx_role 
disulf1  disulf ?    ? B NCY 3 SG ? ? ? 1_555 B NCY 7 SG ? ? B NCY 3 B NCY 7 1_555 ? ? ? ? ? ? ?            1.901 sing ? 
covale1  covale both ? C QUI . C  ? ? ? 1_555 B DSN 1 N  ? ? B QUI 0 B DSN 1 1_555 ? ? ? ? ? ? ?            1.342 ?    ? 
covale2  covale both ? B DSN 1 C  ? ? ? 1_555 B ALA 2 N  ? ? B DSN 1 B ALA 2 1_555 ? ? ? ? ? ? ?            1.372 sing ? 
covale3  covale one  ? B DSN 1 OG ? ? ? 1_555 B MVA 8 C  ? ? B DSN 1 B MVA 8 1_555 ? ? ? ? ? ? ?            1.424 sing ? 
covale4  covale both ? B NCY 3 C  ? ? ? 1_555 B MVA 4 N  ? ? B NCY 3 B MVA 4 1_555 ? ? ? ? ? ? ?            1.399 sing ? 
covale5  covale one  ? B MVA 4 C  ? ? ? 1_555 B DSN 5 OG ? ? B MVA 4 B DSN 5 1_555 ? ? ? ? ? ? ?            1.356 sing ? 
covale6  covale both ? B DSN 5 C  ? ? ? 1_555 B ALA 6 N  ? ? B DSN 5 B ALA 6 1_555 ? ? ? ? ? ? ?            1.365 sing ? 
covale7  covale both ? B DSN 5 N  ? ? ? 1_555 D QUI . C  ? ? B DSN 5 B QUI 9 1_555 ? ? ? ? ? ? ?            1.333 ?    ? 
covale8  covale both ? B NCY 7 C  ? ? ? 1_555 B MVA 8 N  ? ? B NCY 7 B MVA 8 1_555 ? ? ? ? ? ? ?            1.421 sing ? 
hydrog1  hydrog ?    ? A DC  1 N3 ? ? ? 1_555 A DG  6 N1 ? ? A DC  1 A DG  6 2_555 ? ? ? ? ? ? WATSON-CRICK ?     ?    ? 
hydrog2  hydrog ?    ? A DC  1 N4 ? ? ? 1_555 A DG  6 O6 ? ? A DC  1 A DG  6 2_555 ? ? ? ? ? ? WATSON-CRICK ?     ?    ? 
hydrog3  hydrog ?    ? A DC  1 O2 ? ? ? 1_555 A DG  6 N2 ? ? A DC  1 A DG  6 2_555 ? ? ? ? ? ? WATSON-CRICK ?     ?    ? 
hydrog4  hydrog ?    ? A DG  2 N1 ? ? ? 1_555 A DC  5 N3 ? ? A DG  2 A DC  5 2_555 ? ? ? ? ? ? WATSON-CRICK ?     ?    ? 
hydrog5  hydrog ?    ? A DG  2 N2 ? ? ? 1_555 A DC  5 O2 ? ? A DG  2 A DC  5 2_555 ? ? ? ? ? ? WATSON-CRICK ?     ?    ? 
hydrog6  hydrog ?    ? A DG  2 O6 ? ? ? 1_555 A DC  5 N4 ? ? A DG  2 A DC  5 2_555 ? ? ? ? ? ? WATSON-CRICK ?     ?    ? 
hydrog7  hydrog ?    ? A DT  3 N3 ? ? ? 1_555 A DA  4 N7 ? ? A DT  3 A DA  4 2_555 ? ? ? ? ? ? HOOGSTEEN    ?     ?    ? 
hydrog8  hydrog ?    ? A DT  3 O4 ? ? ? 1_555 A DA  4 N6 ? ? A DT  3 A DA  4 2_555 ? ? ? ? ? ? HOOGSTEEN    ?     ?    ? 
hydrog9  hydrog ?    ? A DA  4 N6 ? ? ? 1_555 A DT  3 O4 ? ? A DA  4 A DT  3 2_555 ? ? ? ? ? ? HOOGSTEEN    ?     ?    ? 
hydrog10 hydrog ?    ? A DA  4 N7 ? ? ? 1_555 A DT  3 N3 ? ? A DA  4 A DT  3 2_555 ? ? ? ? ? ? HOOGSTEEN    ?     ?    ? 
hydrog11 hydrog ?    ? A DC  5 N3 ? ? ? 1_555 A DG  2 N1 ? ? A DC  5 A DG  2 2_555 ? ? ? ? ? ? WATSON-CRICK ?     ?    ? 
hydrog12 hydrog ?    ? A DC  5 N4 ? ? ? 1_555 A DG  2 O6 ? ? A DC  5 A DG  2 2_555 ? ? ? ? ? ? WATSON-CRICK ?     ?    ? 
hydrog13 hydrog ?    ? A DC  5 O2 ? ? ? 1_555 A DG  2 N2 ? ? A DC  5 A DG  2 2_555 ? ? ? ? ? ? WATSON-CRICK ?     ?    ? 
hydrog14 hydrog ?    ? A DG  6 N1 ? ? ? 1_555 A DC  1 N3 ? ? A DG  6 A DC  1 2_555 ? ? ? ? ? ? WATSON-CRICK ?     ?    ? 
hydrog15 hydrog ?    ? A DG  6 N2 ? ? ? 1_555 A DC  1 O2 ? ? A DG  6 A DC  1 2_555 ? ? ? ? ? ? WATSON-CRICK ?     ?    ? 
hydrog16 hydrog ?    ? A DG  6 O6 ? ? ? 1_555 A DC  1 N4 ? ? A DG  6 A DC  1 2_555 ? ? ? ? ? ? WATSON-CRICK ?     ?    ? 
# 
loop_
_struct_conn_type.id 
_struct_conn_type.criteria 
_struct_conn_type.reference 
disulf ? ? 
covale ? ? 
hydrog ? ? 
# 
loop_
_struct_site.id 
_struct_site.pdbx_evidence_code 
_struct_site.pdbx_auth_asym_id 
_struct_site.pdbx_auth_comp_id 
_struct_site.pdbx_auth_seq_id 
_struct_site.pdbx_auth_ins_code 
_struct_site.pdbx_num_residues 
_struct_site.details 
AC1 Software ? ? ? ? 7 'BINDING SITE FOR TRIOSTIN A OF LINKED RESIDUES B 0 to 9' 
1   ?        ? ? ? ? ? ?                                                         
# 
loop_
_struct_site_gen.id 
_struct_site_gen.site_id 
_struct_site_gen.pdbx_num_res 
_struct_site_gen.label_comp_id 
_struct_site_gen.label_asym_id 
_struct_site_gen.label_seq_id 
_struct_site_gen.pdbx_auth_ins_code 
_struct_site_gen.auth_comp_id 
_struct_site_gen.auth_asym_id 
_struct_site_gen.auth_seq_id 
_struct_site_gen.label_atom_id 
_struct_site_gen.label_alt_id 
_struct_site_gen.symmetry 
_struct_site_gen.details 
1 AC1 7 DC A 1 ? DC A 1 . ? 1_555  ? 
2 AC1 7 DG A 2 ? DG A 2 . ? 1_555  ? 
3 AC1 7 DT A 3 ? DT A 3 . ? 1_555  ? 
4 AC1 7 DA A 4 ? DA A 4 . ? 2_555  ? 
5 AC1 7 DC A 5 ? DC A 5 . ? 2_555  ? 
6 AC1 7 DG A 6 ? DG A 6 . ? 13_555 ? 
7 AC1 7 DG A 6 ? DG A 6 . ? 2_555  ? 
# 
loop_
_pdbx_validate_rmsd_bond.id 
_pdbx_validate_rmsd_bond.PDB_model_num 
_pdbx_validate_rmsd_bond.auth_atom_id_1 
_pdbx_validate_rmsd_bond.auth_asym_id_1 
_pdbx_validate_rmsd_bond.auth_comp_id_1 
_pdbx_validate_rmsd_bond.auth_seq_id_1 
_pdbx_validate_rmsd_bond.PDB_ins_code_1 
_pdbx_validate_rmsd_bond.label_alt_id_1 
_pdbx_validate_rmsd_bond.auth_atom_id_2 
_pdbx_validate_rmsd_bond.auth_asym_id_2 
_pdbx_validate_rmsd_bond.auth_comp_id_2 
_pdbx_validate_rmsd_bond.auth_seq_id_2 
_pdbx_validate_rmsd_bond.PDB_ins_code_2 
_pdbx_validate_rmsd_bond.label_alt_id_2 
_pdbx_validate_rmsd_bond.bond_value 
_pdbx_validate_rmsd_bond.bond_target_value 
_pdbx_validate_rmsd_bond.bond_deviation 
_pdbx_validate_rmsd_bond.bond_standard_deviation 
_pdbx_validate_rmsd_bond.linker_flag 
1  1 "C4'" A DC 1 ? ? "C3'" A DC 1 ? ? 1.612 1.529 0.083  0.010 N 
2  1 C4    A DC 1 ? ? N4    A DC 1 ? ? 1.138 1.335 -0.197 0.009 N 
3  1 "C2'" A DG 2 ? ? "C1'" A DG 2 ? ? 1.637 1.519 0.118  0.010 N 
4  1 "O3'" A DG 2 ? ? "C3'" A DG 2 ? ? 1.337 1.419 -0.082 0.006 N 
5  1 C6    A DG 2 ? ? N1    A DG 2 ? ? 1.289 1.391 -0.102 0.007 N 
6  1 N7    A DG 2 ? ? C8    A DG 2 ? ? 1.342 1.305 0.037  0.006 N 
7  1 C2    A DG 2 ? ? N2    A DG 2 ? ? 1.219 1.341 -0.122 0.010 N 
8  1 "C4'" A DT 3 ? ? "C3'" A DT 3 ? ? 1.648 1.529 0.119  0.010 N 
9  1 "O3'" A DT 3 ? ? "C3'" A DT 3 ? ? 1.358 1.419 -0.061 0.006 N 
10 1 C5    A DT 3 ? ? C6    A DT 3 ? ? 1.381 1.339 0.042  0.007 N 
11 1 C4    A DT 3 ? ? O4    A DT 3 ? ? 1.285 1.228 0.057  0.009 N 
12 1 C5    A DT 3 ? ? C7    A DT 3 ? ? 1.617 1.496 0.121  0.006 N 
13 1 P     A DA 4 ? ? "O5'" A DA 4 ? ? 1.677 1.593 0.084  0.010 N 
14 1 "C4'" A DA 4 ? ? "C3'" A DA 4 ? ? 1.638 1.529 0.109  0.010 N 
15 1 "C2'" A DA 4 ? ? "C1'" A DA 4 ? ? 1.599 1.519 0.080  0.010 N 
16 1 "O4'" A DA 4 ? ? "C4'" A DA 4 ? ? 1.351 1.446 -0.095 0.010 N 
17 1 "O3'" A DA 4 ? ? "C3'" A DA 4 ? ? 1.361 1.419 -0.058 0.006 N 
18 1 N7    A DA 4 ? ? C8    A DA 4 ? ? 1.355 1.311 0.044  0.007 N 
19 1 "C4'" A DC 5 ? ? "C3'" A DC 5 ? ? 1.589 1.529 0.060  0.010 N 
20 1 "C3'" A DC 5 ? ? "C2'" A DC 5 ? ? 1.462 1.516 -0.054 0.008 N 
21 1 "C2'" A DC 5 ? ? "C1'" A DC 5 ? ? 1.592 1.519 0.073  0.010 N 
22 1 P     A DG 6 ? ? "O5'" A DG 6 ? ? 1.676 1.593 0.083  0.010 N 
23 1 "C4'" A DG 6 ? ? "C3'" A DG 6 ? ? 1.628 1.529 0.099  0.010 N 
24 1 "C2'" A DG 6 ? ? "C1'" A DG 6 ? ? 1.625 1.519 0.106  0.010 N 
25 1 C6    A DG 6 ? ? N1    A DG 6 ? ? 1.336 1.391 -0.055 0.007 N 
26 1 C8    A DG 6 ? ? N9    A DG 6 ? ? 1.326 1.374 -0.048 0.007 N 
27 1 C2    A DG 6 ? ? N2    A DG 6 ? ? 1.260 1.341 -0.081 0.010 N 
# 
loop_
_pdbx_validate_rmsd_angle.id 
_pdbx_validate_rmsd_angle.PDB_model_num 
_pdbx_validate_rmsd_angle.auth_atom_id_1 
_pdbx_validate_rmsd_angle.auth_asym_id_1 
_pdbx_validate_rmsd_angle.auth_comp_id_1 
_pdbx_validate_rmsd_angle.auth_seq_id_1 
_pdbx_validate_rmsd_angle.PDB_ins_code_1 
_pdbx_validate_rmsd_angle.label_alt_id_1 
_pdbx_validate_rmsd_angle.auth_atom_id_2 
_pdbx_validate_rmsd_angle.auth_asym_id_2 
_pdbx_validate_rmsd_angle.auth_comp_id_2 
_pdbx_validate_rmsd_angle.auth_seq_id_2 
_pdbx_validate_rmsd_angle.PDB_ins_code_2 
_pdbx_validate_rmsd_angle.label_alt_id_2 
_pdbx_validate_rmsd_angle.auth_atom_id_3 
_pdbx_validate_rmsd_angle.auth_asym_id_3 
_pdbx_validate_rmsd_angle.auth_comp_id_3 
_pdbx_validate_rmsd_angle.auth_seq_id_3 
_pdbx_validate_rmsd_angle.PDB_ins_code_3 
_pdbx_validate_rmsd_angle.label_alt_id_3 
_pdbx_validate_rmsd_angle.angle_value 
_pdbx_validate_rmsd_angle.angle_target_value 
_pdbx_validate_rmsd_angle.angle_deviation 
_pdbx_validate_rmsd_angle.angle_standard_deviation 
_pdbx_validate_rmsd_angle.linker_flag 
1  1 "O5'" A DC  1 ? ? "C5'" A DC  1 ? ? "C4'" A DC  1 ? ? 102.51 109.40 -6.89  0.80 N 
2  1 "O4'" A DC  1 ? ? "C1'" A DC  1 ? ? N1    A DC  1 ? ? 103.34 108.00 -4.66  0.70 N 
3  1 N1    A DC  1 ? ? C2    A DC  1 ? ? N3    A DC  1 ? ? 114.69 119.20 -4.51  0.70 N 
4  1 C2    A DC  1 ? ? N3    A DC  1 ? ? C4    A DC  1 ? ? 125.52 119.90 5.62   0.50 N 
5  1 N3    A DC  1 ? ? C4    A DC  1 ? ? C5    A DC  1 ? ? 117.62 121.90 -4.28  0.40 N 
6  1 N1    A DC  1 ? ? C2    A DC  1 ? ? O2    A DC  1 ? ? 124.23 118.90 5.33   0.60 N 
7  1 N3    A DC  1 ? ? C4    A DC  1 ? ? N4    A DC  1 ? ? 108.63 118.00 -9.37  0.70 N 
8  1 "O5'" A DG  2 ? ? P     A DG  2 ? ? OP1   A DG  2 ? ? 118.04 110.70 7.34   1.20 N 
9  1 "O5'" A DG  2 ? ? P     A DG  2 ? ? OP2   A DG  2 ? ? 93.55  105.70 -12.15 0.90 N 
10 1 "O4'" A DG  2 ? ? "C1'" A DG  2 ? ? N9    A DG  2 ? ? 116.55 108.30 8.25   0.30 N 
11 1 C4    A DG  2 ? ? C5    A DG  2 ? ? C6    A DG  2 ? ? 114.98 118.80 -3.82  0.60 N 
12 1 C5    A DG  2 ? ? C6    A DG  2 ? ? N1    A DG  2 ? ? 118.72 111.50 7.22   0.50 N 
13 1 C4    A DG  2 ? ? C5    A DG  2 ? ? N7    A DG  2 ? ? 113.69 110.80 2.89   0.40 N 
14 1 C5    A DG  2 ? ? N7    A DG  2 ? ? C8    A DG  2 ? ? 100.99 104.30 -3.31  0.50 N 
15 1 N1    A DG  2 ? ? C2    A DG  2 ? ? N2    A DG  2 ? ? 125.70 116.20 9.50   0.90 N 
16 1 N3    A DG  2 ? ? C2    A DG  2 ? ? N2    A DG  2 ? ? 110.21 119.90 -9.69  0.70 N 
17 1 C5    A DG  2 ? ? C6    A DG  2 ? ? O6    A DG  2 ? ? 120.75 128.60 -7.85  0.60 N 
18 1 "O5'" A DT  3 ? ? P     A DT  3 ? ? OP1   A DT  3 ? ? 99.07  105.70 -6.63  0.90 N 
19 1 "O5'" A DT  3 ? ? P     A DT  3 ? ? OP2   A DT  3 ? ? 122.27 110.70 11.57  1.20 N 
20 1 "O5'" A DT  3 ? ? "C5'" A DT  3 ? ? "C4'" A DT  3 ? ? 103.56 109.40 -5.84  0.80 N 
21 1 P     A DT  3 ? ? "O5'" A DT  3 ? ? "C5'" A DT  3 ? ? 106.96 120.90 -13.94 1.60 N 
22 1 "O4'" A DT  3 ? ? "C4'" A DT  3 ? ? "C3'" A DT  3 ? ? 101.14 104.50 -3.36  0.40 N 
23 1 "C5'" A DT  3 ? ? "C4'" A DT  3 ? ? "O4'" A DT  3 ? ? 123.25 109.80 13.45  1.10 N 
24 1 "O4'" A DT  3 ? ? "C1'" A DT  3 ? ? N1    A DT  3 ? ? 115.80 108.30 7.50   0.30 N 
25 1 N1    A DT  3 ? ? C2    A DT  3 ? ? N3    A DT  3 ? ? 119.74 114.60 5.14   0.60 N 
26 1 C2    A DT  3 ? ? N3    A DT  3 ? ? C4    A DT  3 ? ? 119.26 127.20 -7.94  0.60 N 
27 1 N3    A DT  3 ? ? C4    A DT  3 ? ? C5    A DT  3 ? ? 123.95 115.20 8.75   0.60 N 
28 1 C4    A DT  3 ? ? C5    A DT  3 ? ? C6    A DT  3 ? ? 111.85 118.00 -6.15  0.60 N 
29 1 N1    A DT  3 ? ? C2    A DT  3 ? ? O2    A DT  3 ? ? 116.50 123.10 -6.60  0.80 N 
30 1 N3    A DT  3 ? ? C4    A DT  3 ? ? O4    A DT  3 ? ? 114.53 119.90 -5.37  0.60 N 
31 1 C4    A DT  3 ? ? C5    A DT  3 ? ? C7    A DT  3 ? ? 126.14 119.00 7.14   0.60 N 
32 1 OP1   A DA  4 ? ? P     A DA  4 ? ? OP2   A DA  4 ? ? 132.71 119.60 13.11  1.50 N 
33 1 "O5'" A DA  4 ? ? P     A DA  4 ? ? OP1   A DA  4 ? ? 99.44  105.70 -6.26  0.90 N 
34 1 "O4'" A DA  4 ? ? "C4'" A DA  4 ? ? "C3'" A DA  4 ? ? 99.73  104.50 -4.77  0.40 N 
35 1 "C5'" A DA  4 ? ? "C4'" A DA  4 ? ? "O4'" A DA  4 ? ? 117.38 109.80 7.58   1.10 N 
36 1 "C1'" A DA  4 ? ? "O4'" A DA  4 ? ? "C4'" A DA  4 ? ? 119.88 110.30 9.58   0.70 N 
37 1 "O4'" A DA  4 ? ? "C1'" A DA  4 ? ? "C2'" A DA  4 ? ? 99.00  105.90 -6.90  0.80 N 
38 1 "O4'" A DA  4 ? ? "C1'" A DA  4 ? ? N9    A DA  4 ? ? 110.29 108.30 1.99   0.30 N 
39 1 "O5'" A DC  5 ? ? "C5'" A DC  5 ? ? "C4'" A DC  5 ? ? 104.21 109.40 -5.19  0.80 N 
40 1 C2    A DC  5 ? ? N3    A DC  5 ? ? C4    A DC  5 ? ? 124.35 119.90 4.45   0.50 N 
41 1 N3    A DC  5 ? ? C4    A DC  5 ? ? C5    A DC  5 ? ? 115.49 121.90 -6.41  0.40 N 
42 1 C4    A DC  5 ? ? C5    A DC  5 ? ? C6    A DC  5 ? ? 120.44 117.40 3.04   0.50 N 
43 1 N1    A DC  5 ? ? C2    A DC  5 ? ? O2    A DC  5 ? ? 124.26 118.90 5.36   0.60 N 
44 1 OP1   A DG  6 ? ? P     A DG  6 ? ? OP2   A DG  6 ? ? 129.62 119.60 10.02  1.50 N 
45 1 "O5'" A DG  6 ? ? P     A DG  6 ? ? OP2   A DG  6 ? ? 98.90  105.70 -6.80  0.90 N 
46 1 P     A DG  6 ? ? "O5'" A DG  6 ? ? "C5'" A DG  6 ? ? 109.37 120.90 -11.53 1.60 N 
47 1 "O4'" A DG  6 ? ? "C4'" A DG  6 ? ? "C3'" A DG  6 ? ? 101.73 104.50 -2.77  0.40 N 
48 1 "C5'" A DG  6 ? ? "C4'" A DG  6 ? ? "C3'" A DG  6 ? ? 123.29 115.70 7.59   1.20 N 
49 1 "C1'" A DG  6 ? ? "O4'" A DG  6 ? ? "C4'" A DG  6 ? ? 117.49 110.30 7.19   0.70 N 
50 1 "O4'" A DG  6 ? ? "C1'" A DG  6 ? ? N9    A DG  6 ? ? 117.67 108.30 9.37   0.30 N 
51 1 C6    A DG  6 ? ? N1    A DG  6 ? ? C2    A DG  6 ? ? 121.26 125.10 -3.84  0.60 N 
52 1 C5    A DG  6 ? ? C6    A DG  6 ? ? N1    A DG  6 ? ? 116.65 111.50 5.15   0.50 N 
53 1 N1    A DG  6 ? ? C2    A DG  6 ? ? N2    A DG  6 ? ? 122.89 116.20 6.69   0.90 N 
54 1 N3    A DG  6 ? ? C2    A DG  6 ? ? N2    A DG  6 ? ? 110.82 119.90 -9.08  0.70 N 
55 1 C5    A DG  6 ? ? C6    A DG  6 ? ? O6    A DG  6 ? ? 122.46 128.60 -6.14  0.60 N 
56 1 N     B DSN 1 ? ? CA    B DSN 1 ? ? CB    B DSN 1 ? ? 100.16 110.50 -10.34 1.50 N 
57 1 N     B ALA 2 ? ? CA    B ALA 2 ? ? CB    B ALA 2 ? ? 95.19  110.10 -14.91 1.40 N 
58 1 C     B ALA 2 ? ? N     B NCY 3 ? ? CA    B NCY 3 ? ? 105.34 121.70 -16.36 2.50 Y 
# 
_pdbx_validate_planes.id              1 
_pdbx_validate_planes.PDB_model_num   1 
_pdbx_validate_planes.auth_comp_id    DC 
_pdbx_validate_planes.auth_asym_id    A 
_pdbx_validate_planes.auth_seq_id     1 
_pdbx_validate_planes.PDB_ins_code    ? 
_pdbx_validate_planes.label_alt_id    ? 
_pdbx_validate_planes.rmsd            0.151 
_pdbx_validate_planes.type            'SIDE CHAIN' 
# 
loop_
_pdbx_validate_main_chain_plane.id 
_pdbx_validate_main_chain_plane.PDB_model_num 
_pdbx_validate_main_chain_plane.auth_comp_id 
_pdbx_validate_main_chain_plane.auth_asym_id 
_pdbx_validate_main_chain_plane.auth_seq_id 
_pdbx_validate_main_chain_plane.PDB_ins_code 
_pdbx_validate_main_chain_plane.label_alt_id 
_pdbx_validate_main_chain_plane.improper_torsion_angle 
1 1 DSN B 5 ? ? 14.47  
2 1 ALA B 6 ? ? -11.05 
# 
_pdbx_molecule_features.prd_id    PRD_000488 
_pdbx_molecule_features.name      'TRIOSTIN A' 
_pdbx_molecule_features.type      'Cyclic depsipeptide' 
_pdbx_molecule_features.class     Anticancer 
_pdbx_molecule_features.details   
;TRIOSTIN IS A BICYCLIC OCTADEPSIPEPTIDE.              
 BICYCLIZATION IS ACHIEVED BY LINKING THE N- AND       
 THE C- TERMINI, AND A DISULPHIDE BOND BETWEEN         
 RESIDUES 3 AND 7.                                     
 THE TWO QUINOXALINE CHROMOPHORES ARE LINKED           
 TO THE D-SERINE RESIDUES, RESIDUES 1 AND 5.
;
# 
loop_
_pdbx_molecule.instance_id 
_pdbx_molecule.prd_id 
_pdbx_molecule.asym_id 
1 PRD_000488 B 
1 PRD_000488 C 
1 PRD_000488 D 
# 
_struct_site_keywords.site_id   1 
_struct_site_keywords.text      BIS-INTERCALATION 
# 
_refine_B_iso.class            'ALL ATOMS' 
_refine_B_iso.details          TR 
_refine_B_iso.treatment        isotropic 
_refine_B_iso.pdbx_refine_id   'X-RAY DIFFRACTION' 
# 
_refine_occupancy.class            'ALL ATOMS' 
_refine_occupancy.treatment        fix 
_refine_occupancy.pdbx_refine_id   'X-RAY DIFFRACTION' 
# 
_pdbx_entry_details.entry_id                 1VTG 
_pdbx_entry_details.nonpolymer_details       ? 
_pdbx_entry_details.sequence_details         ? 
_pdbx_entry_details.compound_details         
;TRIOSTIN IS A BICYCLIC OCTADEPSIPEPTIDE, A MEMBER
OF THE QUINOXALINE CLASS OF ANTIBIOTICS.

HERE, TRIOSTIN IS REPRESENTED BY GROUPING TOGETHER THE
SEQUENCE (SEQRES) AND THE TWO LIGANDS (HET) QUI

 GROUP: 1
  NAME: TRIOSTIN
  CHAIN: B
  COMPONENT_1: PEPTIDE LIKE SEQUENCE RESIDUES 1 TO 8
  COMPONENT_2: QUINALDIC ACID CHROMOPHORE RESIDUES 0 AND 9
  DESCRIPTION: TRIOSTIN IS A IS A BICYCLIC OCTADEPSIPEPTIDE.
               BICYCLIZATION IS ACHIEVED BY LINKING THE N- AND
               THE C- TERMINI, AND A DISULPHIDE BOND BETWEEN
               RESIDUES 3 AND 7.
               THE TWO QUINOXALINE CHROMOPHORES ARE LINKED
               TO THE D-SERINE RESIDUES, RESIDUES 1 AND 5.
;
_pdbx_entry_details.source_details           ? 
_pdbx_entry_details.has_ligand_of_interest   ? 
# 
loop_
_chem_comp_atom.comp_id 
_chem_comp_atom.atom_id 
_chem_comp_atom.type_symbol 
_chem_comp_atom.pdbx_aromatic_flag 
_chem_comp_atom.pdbx_stereo_config 
_chem_comp_atom.pdbx_ordinal 
ALA N      N N N 1   
ALA CA     C N S 2   
ALA C      C N N 3   
ALA O      O N N 4   
ALA CB     C N N 5   
ALA OXT    O N N 6   
ALA H      H N N 7   
ALA H2     H N N 8   
ALA HA     H N N 9   
ALA HB1    H N N 10  
ALA HB2    H N N 11  
ALA HB3    H N N 12  
ALA HXT    H N N 13  
DA  OP3    O N N 14  
DA  P      P N N 15  
DA  OP1    O N N 16  
DA  OP2    O N N 17  
DA  "O5'"  O N N 18  
DA  "C5'"  C N N 19  
DA  "C4'"  C N R 20  
DA  "O4'"  O N N 21  
DA  "C3'"  C N S 22  
DA  "O3'"  O N N 23  
DA  "C2'"  C N N 24  
DA  "C1'"  C N R 25  
DA  N9     N Y N 26  
DA  C8     C Y N 27  
DA  N7     N Y N 28  
DA  C5     C Y N 29  
DA  C6     C Y N 30  
DA  N6     N N N 31  
DA  N1     N Y N 32  
DA  C2     C Y N 33  
DA  N3     N Y N 34  
DA  C4     C Y N 35  
DA  HOP3   H N N 36  
DA  HOP2   H N N 37  
DA  "H5'"  H N N 38  
DA  "H5''" H N N 39  
DA  "H4'"  H N N 40  
DA  "H3'"  H N N 41  
DA  "HO3'" H N N 42  
DA  "H2'"  H N N 43  
DA  "H2''" H N N 44  
DA  "H1'"  H N N 45  
DA  H8     H N N 46  
DA  H61    H N N 47  
DA  H62    H N N 48  
DA  H2     H N N 49  
DC  OP3    O N N 50  
DC  P      P N N 51  
DC  OP1    O N N 52  
DC  OP2    O N N 53  
DC  "O5'"  O N N 54  
DC  "C5'"  C N N 55  
DC  "C4'"  C N R 56  
DC  "O4'"  O N N 57  
DC  "C3'"  C N S 58  
DC  "O3'"  O N N 59  
DC  "C2'"  C N N 60  
DC  "C1'"  C N R 61  
DC  N1     N N N 62  
DC  C2     C N N 63  
DC  O2     O N N 64  
DC  N3     N N N 65  
DC  C4     C N N 66  
DC  N4     N N N 67  
DC  C5     C N N 68  
DC  C6     C N N 69  
DC  HOP3   H N N 70  
DC  HOP2   H N N 71  
DC  "H5'"  H N N 72  
DC  "H5''" H N N 73  
DC  "H4'"  H N N 74  
DC  "H3'"  H N N 75  
DC  "HO3'" H N N 76  
DC  "H2'"  H N N 77  
DC  "H2''" H N N 78  
DC  "H1'"  H N N 79  
DC  H41    H N N 80  
DC  H42    H N N 81  
DC  H5     H N N 82  
DC  H6     H N N 83  
DG  OP3    O N N 84  
DG  P      P N N 85  
DG  OP1    O N N 86  
DG  OP2    O N N 87  
DG  "O5'"  O N N 88  
DG  "C5'"  C N N 89  
DG  "C4'"  C N R 90  
DG  "O4'"  O N N 91  
DG  "C3'"  C N S 92  
DG  "O3'"  O N N 93  
DG  "C2'"  C N N 94  
DG  "C1'"  C N R 95  
DG  N9     N Y N 96  
DG  C8     C Y N 97  
DG  N7     N Y N 98  
DG  C5     C Y N 99  
DG  C6     C N N 100 
DG  O6     O N N 101 
DG  N1     N N N 102 
DG  C2     C N N 103 
DG  N2     N N N 104 
DG  N3     N N N 105 
DG  C4     C Y N 106 
DG  HOP3   H N N 107 
DG  HOP2   H N N 108 
DG  "H5'"  H N N 109 
DG  "H5''" H N N 110 
DG  "H4'"  H N N 111 
DG  "H3'"  H N N 112 
DG  "HO3'" H N N 113 
DG  "H2'"  H N N 114 
DG  "H2''" H N N 115 
DG  "H1'"  H N N 116 
DG  H8     H N N 117 
DG  H1     H N N 118 
DG  H21    H N N 119 
DG  H22    H N N 120 
DSN N      N N N 121 
DSN CA     C N R 122 
DSN C      C N N 123 
DSN O      O N N 124 
DSN OXT    O N N 125 
DSN CB     C N N 126 
DSN OG     O N N 127 
DSN H      H N N 128 
DSN H2     H N N 129 
DSN HA     H N N 130 
DSN HXT    H N N 131 
DSN HB2    H N N 132 
DSN HB3    H N N 133 
DSN HG     H N N 134 
DT  OP3    O N N 135 
DT  P      P N N 136 
DT  OP1    O N N 137 
DT  OP2    O N N 138 
DT  "O5'"  O N N 139 
DT  "C5'"  C N N 140 
DT  "C4'"  C N R 141 
DT  "O4'"  O N N 142 
DT  "C3'"  C N S 143 
DT  "O3'"  O N N 144 
DT  "C2'"  C N N 145 
DT  "C1'"  C N R 146 
DT  N1     N N N 147 
DT  C2     C N N 148 
DT  O2     O N N 149 
DT  N3     N N N 150 
DT  C4     C N N 151 
DT  O4     O N N 152 
DT  C5     C N N 153 
DT  C7     C N N 154 
DT  C6     C N N 155 
DT  HOP3   H N N 156 
DT  HOP2   H N N 157 
DT  "H5'"  H N N 158 
DT  "H5''" H N N 159 
DT  "H4'"  H N N 160 
DT  "H3'"  H N N 161 
DT  "HO3'" H N N 162 
DT  "H2'"  H N N 163 
DT  "H2''" H N N 164 
DT  "H1'"  H N N 165 
DT  H3     H N N 166 
DT  H71    H N N 167 
DT  H72    H N N 168 
DT  H73    H N N 169 
DT  H6     H N N 170 
MVA N      N N N 171 
MVA CN     C N N 172 
MVA CA     C N S 173 
MVA CB     C N N 174 
MVA CG1    C N N 175 
MVA CG2    C N N 176 
MVA C      C N N 177 
MVA O      O N N 178 
MVA OXT    O N N 179 
MVA H      H N N 180 
MVA HN1    H N N 181 
MVA HN2    H N N 182 
MVA HN3    H N N 183 
MVA HA     H N N 184 
MVA HB     H N N 185 
MVA HG11   H N N 186 
MVA HG12   H N N 187 
MVA HG13   H N N 188 
MVA HG21   H N N 189 
MVA HG22   H N N 190 
MVA HG23   H N N 191 
MVA HXT    H N N 192 
NCY N      N N N 193 
NCY CA     C N R 194 
NCY CB     C N N 195 
NCY SG     S N N 196 
NCY CN     C N N 197 
NCY C      C N N 198 
NCY O      O N N 199 
NCY OXT    O N N 200 
NCY H      H N N 201 
NCY HA     H N N 202 
NCY HB2    H N N 203 
NCY HB3    H N N 204 
NCY HG     H N N 205 
NCY HCN1   H N N 206 
NCY HCN2   H N N 207 
NCY HCN3   H N N 208 
NCY HXT    H N N 209 
QUI N1     N Y N 210 
QUI C2     C Y N 211 
QUI C3     C Y N 212 
QUI N4     N Y N 213 
QUI C5     C Y N 214 
QUI C6     C Y N 215 
QUI C7     C Y N 216 
QUI C8     C Y N 217 
QUI C9     C Y N 218 
QUI C10    C Y N 219 
QUI C      C N N 220 
QUI O1     O N N 221 
QUI O2     O N N 222 
QUI H3     H N N 223 
QUI H5     H N N 224 
QUI H6     H N N 225 
QUI H7     H N N 226 
QUI H8     H N N 227 
QUI HO2    H N N 228 
# 
loop_
_chem_comp_bond.comp_id 
_chem_comp_bond.atom_id_1 
_chem_comp_bond.atom_id_2 
_chem_comp_bond.value_order 
_chem_comp_bond.pdbx_aromatic_flag 
_chem_comp_bond.pdbx_stereo_config 
_chem_comp_bond.pdbx_ordinal 
ALA N     CA     sing N N 1   
ALA N     H      sing N N 2   
ALA N     H2     sing N N 3   
ALA CA    C      sing N N 4   
ALA CA    CB     sing N N 5   
ALA CA    HA     sing N N 6   
ALA C     O      doub N N 7   
ALA C     OXT    sing N N 8   
ALA CB    HB1    sing N N 9   
ALA CB    HB2    sing N N 10  
ALA CB    HB3    sing N N 11  
ALA OXT   HXT    sing N N 12  
DA  OP3   P      sing N N 13  
DA  OP3   HOP3   sing N N 14  
DA  P     OP1    doub N N 15  
DA  P     OP2    sing N N 16  
DA  P     "O5'"  sing N N 17  
DA  OP2   HOP2   sing N N 18  
DA  "O5'" "C5'"  sing N N 19  
DA  "C5'" "C4'"  sing N N 20  
DA  "C5'" "H5'"  sing N N 21  
DA  "C5'" "H5''" sing N N 22  
DA  "C4'" "O4'"  sing N N 23  
DA  "C4'" "C3'"  sing N N 24  
DA  "C4'" "H4'"  sing N N 25  
DA  "O4'" "C1'"  sing N N 26  
DA  "C3'" "O3'"  sing N N 27  
DA  "C3'" "C2'"  sing N N 28  
DA  "C3'" "H3'"  sing N N 29  
DA  "O3'" "HO3'" sing N N 30  
DA  "C2'" "C1'"  sing N N 31  
DA  "C2'" "H2'"  sing N N 32  
DA  "C2'" "H2''" sing N N 33  
DA  "C1'" N9     sing N N 34  
DA  "C1'" "H1'"  sing N N 35  
DA  N9    C8     sing Y N 36  
DA  N9    C4     sing Y N 37  
DA  C8    N7     doub Y N 38  
DA  C8    H8     sing N N 39  
DA  N7    C5     sing Y N 40  
DA  C5    C6     sing Y N 41  
DA  C5    C4     doub Y N 42  
DA  C6    N6     sing N N 43  
DA  C6    N1     doub Y N 44  
DA  N6    H61    sing N N 45  
DA  N6    H62    sing N N 46  
DA  N1    C2     sing Y N 47  
DA  C2    N3     doub Y N 48  
DA  C2    H2     sing N N 49  
DA  N3    C4     sing Y N 50  
DC  OP3   P      sing N N 51  
DC  OP3   HOP3   sing N N 52  
DC  P     OP1    doub N N 53  
DC  P     OP2    sing N N 54  
DC  P     "O5'"  sing N N 55  
DC  OP2   HOP2   sing N N 56  
DC  "O5'" "C5'"  sing N N 57  
DC  "C5'" "C4'"  sing N N 58  
DC  "C5'" "H5'"  sing N N 59  
DC  "C5'" "H5''" sing N N 60  
DC  "C4'" "O4'"  sing N N 61  
DC  "C4'" "C3'"  sing N N 62  
DC  "C4'" "H4'"  sing N N 63  
DC  "O4'" "C1'"  sing N N 64  
DC  "C3'" "O3'"  sing N N 65  
DC  "C3'" "C2'"  sing N N 66  
DC  "C3'" "H3'"  sing N N 67  
DC  "O3'" "HO3'" sing N N 68  
DC  "C2'" "C1'"  sing N N 69  
DC  "C2'" "H2'"  sing N N 70  
DC  "C2'" "H2''" sing N N 71  
DC  "C1'" N1     sing N N 72  
DC  "C1'" "H1'"  sing N N 73  
DC  N1    C2     sing N N 74  
DC  N1    C6     sing N N 75  
DC  C2    O2     doub N N 76  
DC  C2    N3     sing N N 77  
DC  N3    C4     doub N N 78  
DC  C4    N4     sing N N 79  
DC  C4    C5     sing N N 80  
DC  N4    H41    sing N N 81  
DC  N4    H42    sing N N 82  
DC  C5    C6     doub N N 83  
DC  C5    H5     sing N N 84  
DC  C6    H6     sing N N 85  
DG  OP3   P      sing N N 86  
DG  OP3   HOP3   sing N N 87  
DG  P     OP1    doub N N 88  
DG  P     OP2    sing N N 89  
DG  P     "O5'"  sing N N 90  
DG  OP2   HOP2   sing N N 91  
DG  "O5'" "C5'"  sing N N 92  
DG  "C5'" "C4'"  sing N N 93  
DG  "C5'" "H5'"  sing N N 94  
DG  "C5'" "H5''" sing N N 95  
DG  "C4'" "O4'"  sing N N 96  
DG  "C4'" "C3'"  sing N N 97  
DG  "C4'" "H4'"  sing N N 98  
DG  "O4'" "C1'"  sing N N 99  
DG  "C3'" "O3'"  sing N N 100 
DG  "C3'" "C2'"  sing N N 101 
DG  "C3'" "H3'"  sing N N 102 
DG  "O3'" "HO3'" sing N N 103 
DG  "C2'" "C1'"  sing N N 104 
DG  "C2'" "H2'"  sing N N 105 
DG  "C2'" "H2''" sing N N 106 
DG  "C1'" N9     sing N N 107 
DG  "C1'" "H1'"  sing N N 108 
DG  N9    C8     sing Y N 109 
DG  N9    C4     sing Y N 110 
DG  C8    N7     doub Y N 111 
DG  C8    H8     sing N N 112 
DG  N7    C5     sing Y N 113 
DG  C5    C6     sing N N 114 
DG  C5    C4     doub Y N 115 
DG  C6    O6     doub N N 116 
DG  C6    N1     sing N N 117 
DG  N1    C2     sing N N 118 
DG  N1    H1     sing N N 119 
DG  C2    N2     sing N N 120 
DG  C2    N3     doub N N 121 
DG  N2    H21    sing N N 122 
DG  N2    H22    sing N N 123 
DG  N3    C4     sing N N 124 
DSN N     CA     sing N N 125 
DSN N     H      sing N N 126 
DSN N     H2     sing N N 127 
DSN CA    C      sing N N 128 
DSN CA    CB     sing N N 129 
DSN CA    HA     sing N N 130 
DSN C     O      doub N N 131 
DSN C     OXT    sing N N 132 
DSN OXT   HXT    sing N N 133 
DSN CB    OG     sing N N 134 
DSN CB    HB2    sing N N 135 
DSN CB    HB3    sing N N 136 
DSN OG    HG     sing N N 137 
DT  OP3   P      sing N N 138 
DT  OP3   HOP3   sing N N 139 
DT  P     OP1    doub N N 140 
DT  P     OP2    sing N N 141 
DT  P     "O5'"  sing N N 142 
DT  OP2   HOP2   sing N N 143 
DT  "O5'" "C5'"  sing N N 144 
DT  "C5'" "C4'"  sing N N 145 
DT  "C5'" "H5'"  sing N N 146 
DT  "C5'" "H5''" sing N N 147 
DT  "C4'" "O4'"  sing N N 148 
DT  "C4'" "C3'"  sing N N 149 
DT  "C4'" "H4'"  sing N N 150 
DT  "O4'" "C1'"  sing N N 151 
DT  "C3'" "O3'"  sing N N 152 
DT  "C3'" "C2'"  sing N N 153 
DT  "C3'" "H3'"  sing N N 154 
DT  "O3'" "HO3'" sing N N 155 
DT  "C2'" "C1'"  sing N N 156 
DT  "C2'" "H2'"  sing N N 157 
DT  "C2'" "H2''" sing N N 158 
DT  "C1'" N1     sing N N 159 
DT  "C1'" "H1'"  sing N N 160 
DT  N1    C2     sing N N 161 
DT  N1    C6     sing N N 162 
DT  C2    O2     doub N N 163 
DT  C2    N3     sing N N 164 
DT  N3    C4     sing N N 165 
DT  N3    H3     sing N N 166 
DT  C4    O4     doub N N 167 
DT  C4    C5     sing N N 168 
DT  C5    C7     sing N N 169 
DT  C5    C6     doub N N 170 
DT  C7    H71    sing N N 171 
DT  C7    H72    sing N N 172 
DT  C7    H73    sing N N 173 
DT  C6    H6     sing N N 174 
MVA N     CN     sing N N 175 
MVA N     CA     sing N N 176 
MVA N     H      sing N N 177 
MVA CN    HN1    sing N N 178 
MVA CN    HN2    sing N N 179 
MVA CN    HN3    sing N N 180 
MVA CA    CB     sing N N 181 
MVA CA    C      sing N N 182 
MVA CA    HA     sing N N 183 
MVA CB    CG1    sing N N 184 
MVA CB    CG2    sing N N 185 
MVA CB    HB     sing N N 186 
MVA CG1   HG11   sing N N 187 
MVA CG1   HG12   sing N N 188 
MVA CG1   HG13   sing N N 189 
MVA CG2   HG21   sing N N 190 
MVA CG2   HG22   sing N N 191 
MVA CG2   HG23   sing N N 192 
MVA C     O      doub N N 193 
MVA C     OXT    sing N N 194 
MVA OXT   HXT    sing N N 195 
NCY N     CA     sing N N 196 
NCY N     CN     sing N N 197 
NCY N     H      sing N N 198 
NCY CA    CB     sing N N 199 
NCY CA    C      sing N N 200 
NCY CA    HA     sing N N 201 
NCY CB    SG     sing N N 202 
NCY CB    HB2    sing N N 203 
NCY CB    HB3    sing N N 204 
NCY SG    HG     sing N N 205 
NCY CN    HCN1   sing N N 206 
NCY CN    HCN2   sing N N 207 
NCY CN    HCN3   sing N N 208 
NCY C     O      doub N N 209 
NCY C     OXT    sing N N 210 
NCY OXT   HXT    sing N N 211 
QUI N1    C2     doub Y N 212 
QUI N1    C9     sing Y N 213 
QUI C2    C3     sing Y N 214 
QUI C2    C      sing N N 215 
QUI C3    N4     doub Y N 216 
QUI C3    H3     sing N N 217 
QUI N4    C10    sing Y N 218 
QUI C5    C6     doub Y N 219 
QUI C5    C10    sing Y N 220 
QUI C5    H5     sing N N 221 
QUI C6    C7     sing Y N 222 
QUI C6    H6     sing N N 223 
QUI C7    C8     doub Y N 224 
QUI C7    H7     sing N N 225 
QUI C8    C9     sing Y N 226 
QUI C8    H8     sing N N 227 
QUI C9    C10    doub Y N 228 
QUI C     O1     doub N N 229 
QUI C     O2     sing N N 230 
QUI O2    HO2    sing N N 231 
# 
loop_
_ndb_struct_conf_na.entry_id 
_ndb_struct_conf_na.feature 
1VTG 'double helix'  
1VTG 'internal loop' 
# 
loop_
_ndb_struct_na_base_pair.model_number 
_ndb_struct_na_base_pair.i_label_asym_id 
_ndb_struct_na_base_pair.i_label_comp_id 
_ndb_struct_na_base_pair.i_label_seq_id 
_ndb_struct_na_base_pair.i_symmetry 
_ndb_struct_na_base_pair.j_label_asym_id 
_ndb_struct_na_base_pair.j_label_comp_id 
_ndb_struct_na_base_pair.j_label_seq_id 
_ndb_struct_na_base_pair.j_symmetry 
_ndb_struct_na_base_pair.shear 
_ndb_struct_na_base_pair.stretch 
_ndb_struct_na_base_pair.stagger 
_ndb_struct_na_base_pair.buckle 
_ndb_struct_na_base_pair.propeller 
_ndb_struct_na_base_pair.opening 
_ndb_struct_na_base_pair.pair_number 
_ndb_struct_na_base_pair.pair_name 
_ndb_struct_na_base_pair.i_auth_asym_id 
_ndb_struct_na_base_pair.i_auth_seq_id 
_ndb_struct_na_base_pair.i_PDB_ins_code 
_ndb_struct_na_base_pair.j_auth_asym_id 
_ndb_struct_na_base_pair.j_auth_seq_id 
_ndb_struct_na_base_pair.j_PDB_ins_code 
_ndb_struct_na_base_pair.hbond_type_28 
_ndb_struct_na_base_pair.hbond_type_12 
1 A DC 1 1_555 A DG 6 2_555 0.265  -0.222 0.548 -19.856 -1.255 0.199  1 A_DC1:DG6_A A 1 ? A 6 ? 19 1 
1 A DG 2 1_555 A DC 5 2_555 -0.012 -0.183 0.332 22.661  -1.394 -0.797 2 A_DG2:DC5_A A 2 ? A 5 ? 19 1 
1 A DC 1 1_555 A DG 6 1_555 0.265  -0.222 0.548 -19.856 -1.256 0.199  3 A_DC1:DG6_A A 1 ? A 6 ? 19 1 
1 A DG 2 1_555 A DC 5 1_555 -0.012 -0.183 0.332 22.661  -1.394 -0.797 4 A_DG2:DC5_A A 2 ? A 5 ? 19 1 
# 
loop_
_ndb_struct_na_base_pair_step.model_number 
_ndb_struct_na_base_pair_step.i_label_asym_id_1 
_ndb_struct_na_base_pair_step.i_label_comp_id_1 
_ndb_struct_na_base_pair_step.i_label_seq_id_1 
_ndb_struct_na_base_pair_step.i_symmetry_1 
_ndb_struct_na_base_pair_step.j_label_asym_id_1 
_ndb_struct_na_base_pair_step.j_label_comp_id_1 
_ndb_struct_na_base_pair_step.j_label_seq_id_1 
_ndb_struct_na_base_pair_step.j_symmetry_1 
_ndb_struct_na_base_pair_step.i_label_asym_id_2 
_ndb_struct_na_base_pair_step.i_label_comp_id_2 
_ndb_struct_na_base_pair_step.i_label_seq_id_2 
_ndb_struct_na_base_pair_step.i_symmetry_2 
_ndb_struct_na_base_pair_step.j_label_asym_id_2 
_ndb_struct_na_base_pair_step.j_label_comp_id_2 
_ndb_struct_na_base_pair_step.j_label_seq_id_2 
_ndb_struct_na_base_pair_step.j_symmetry_2 
_ndb_struct_na_base_pair_step.shift 
_ndb_struct_na_base_pair_step.slide 
_ndb_struct_na_base_pair_step.rise 
_ndb_struct_na_base_pair_step.tilt 
_ndb_struct_na_base_pair_step.roll 
_ndb_struct_na_base_pair_step.twist 
_ndb_struct_na_base_pair_step.x_displacement 
_ndb_struct_na_base_pair_step.y_displacement 
_ndb_struct_na_base_pair_step.helical_rise 
_ndb_struct_na_base_pair_step.inclination 
_ndb_struct_na_base_pair_step.tip 
_ndb_struct_na_base_pair_step.helical_twist 
_ndb_struct_na_base_pair_step.step_number 
_ndb_struct_na_base_pair_step.step_name 
_ndb_struct_na_base_pair_step.i_auth_asym_id_1 
_ndb_struct_na_base_pair_step.i_auth_seq_id_1 
_ndb_struct_na_base_pair_step.i_PDB_ins_code_1 
_ndb_struct_na_base_pair_step.j_auth_asym_id_1 
_ndb_struct_na_base_pair_step.j_auth_seq_id_1 
_ndb_struct_na_base_pair_step.j_PDB_ins_code_1 
_ndb_struct_na_base_pair_step.i_auth_asym_id_2 
_ndb_struct_na_base_pair_step.i_auth_seq_id_2 
_ndb_struct_na_base_pair_step.i_PDB_ins_code_2 
_ndb_struct_na_base_pair_step.j_auth_asym_id_2 
_ndb_struct_na_base_pair_step.j_auth_seq_id_2 
_ndb_struct_na_base_pair_step.j_PDB_ins_code_2 
1 A DC 1 1_555 A DG 6 2_555 A DG 2 1_555 A DC 5 2_555 0.359 2.283 2.636 5.354 -0.733 7.925 14.866 6.686 2.205 -4.656 -34.014 9.590 
1 AA_DC1DG2:DC5DG6_AA A 1 ? A 6 ? A 2 ? A 5 ? 
1 A DC 1 1_555 A DG 6 1_555 A DG 2 1_555 A DC 5 1_555 0.359 2.283 2.636 5.355 -0.733 7.925 14.866 6.686 2.205 -4.655 -34.014 9.590 
2 AA_DC1DG2:DC5DG6_AA A 1 ? A 6 ? A 2 ? A 5 ? 
# 
_atom_sites.entry_id                    1VTG 
_atom_sites.fract_transf_matrix[1][1]   -0.03092516 
_atom_sites.fract_transf_matrix[1][2]   0.00683824 
_atom_sites.fract_transf_matrix[1][3]   0.00378880 
_atom_sites.fract_transf_matrix[2][1]   0.00147700 
_atom_sites.fract_transf_matrix[2][2]   -0.00208878 
_atom_sites.fract_transf_matrix[2][3]   0.01582556 
_atom_sites.fract_transf_matrix[3][1]   0.00370730 
_atom_sites.fract_transf_matrix[3][2]   0.01580198 
_atom_sites.fract_transf_matrix[3][3]   0.00173966 
_atom_sites.fract_transf_vector[1]      0.215646 
_atom_sites.fract_transf_vector[2]      0.126080 
_atom_sites.fract_transf_vector[3]      0.169788 
# 
loop_
_atom_type.symbol 
C 
N 
O 
P 
S 
# 
loop_
_atom_site.group_PDB 
_atom_site.id 
_atom_site.type_symbol 
_atom_site.label_atom_id 
_atom_site.label_alt_id 
_atom_site.label_comp_id 
_atom_site.label_asym_id 
_atom_site.label_entity_id 
_atom_site.label_seq_id 
_atom_site.pdbx_PDB_ins_code 
_atom_site.Cartn_x 
_atom_site.Cartn_y 
_atom_site.Cartn_z 
_atom_site.occupancy 
_atom_site.B_iso_or_equiv 
_atom_site.pdbx_formal_charge 
_atom_site.auth_seq_id 
_atom_site.auth_comp_id 
_atom_site.auth_asym_id 
_atom_site.auth_atom_id 
_atom_site.pdbx_PDB_model_num 
ATOM   1   O "O5'" . DC  A 1 1 ? -3.550 -9.217 1.157   1.00 22.00 ? 1 DC  A "O5'" 1 
ATOM   2   C "C5'" . DC  A 1 1 ? -4.686 -8.514 1.735   1.00 19.80 ? 1 DC  A "C5'" 1 
ATOM   3   C "C4'" . DC  A 1 1 ? -4.637 -7.168 1.024   1.00 19.04 ? 1 DC  A "C4'" 1 
ATOM   4   O "O4'" . DC  A 1 1 ? -3.671 -6.278 1.569   1.00 17.19 ? 1 DC  A "O4'" 1 
ATOM   5   C "C3'" . DC  A 1 1 ? -4.298 -7.297 -0.548  1.00 18.69 ? 1 DC  A "C3'" 1 
ATOM   6   O "O3'" . DC  A 1 1 ? -5.477 -6.741 -1.066  1.00 20.89 ? 1 DC  A "O3'" 1 
ATOM   7   C "C2'" . DC  A 1 1 ? -3.056 -6.513 -0.769  1.00 17.39 ? 1 DC  A "C2'" 1 
ATOM   8   C "C1'" . DC  A 1 1 ? -2.631 -5.879 0.608   1.00 15.58 ? 1 DC  A "C1'" 1 
ATOM   9   N N1    . DC  A 1 1 ? -1.348 -6.443 1.223   1.00 14.59 ? 1 DC  A N1    1 
ATOM   10  C C2    . DC  A 1 1 ? -0.373 -5.580 1.657   1.00 13.25 ? 1 DC  A C2    1 
ATOM   11  O O2    . DC  A 1 1 ? -0.426 -4.397 1.539   1.00 13.21 ? 1 DC  A O2    1 
ATOM   12  N N3    . DC  A 1 1 ? 0.724  -6.179 2.164   1.00 13.13 ? 1 DC  A N3    1 
ATOM   13  C C4    . DC  A 1 1 ? 0.896  -7.533 2.317   1.00 13.24 ? 1 DC  A C4    1 
ATOM   14  N N4    . DC  A 1 1 ? 1.999  -7.777 2.182   1.00 14.11 ? 1 DC  A N4    1 
ATOM   15  C C5    . DC  A 1 1 ? -0.139 -8.370 1.892   1.00 13.49 ? 1 DC  A C5    1 
ATOM   16  C C6    . DC  A 1 1 ? -1.220 -7.823 1.352   1.00 13.47 ? 1 DC  A C6    1 
ATOM   17  P P     . DG  A 1 2 ? -5.877 -6.874 -2.633  1.00 22.99 ? 2 DG  A P     1 
ATOM   18  O OP1   . DG  A 1 2 ? -6.715 -5.680 -2.845  1.00 22.09 ? 2 DG  A OP1   1 
ATOM   19  O OP2   . DG  A 1 2 ? -6.242 -8.261 -2.819  1.00 21.92 ? 2 DG  A OP2   1 
ATOM   20  O "O5'" . DG  A 1 2 ? -4.489 -7.013 -3.513  1.00 21.05 ? 2 DG  A "O5'" 1 
ATOM   21  C "C5'" . DG  A 1 2 ? -4.489 -6.615 -4.838  1.00 18.21 ? 2 DG  A "C5'" 1 
ATOM   22  C "C4'" . DG  A 1 2 ? -3.395 -5.563 -5.061  1.00 15.69 ? 2 DG  A "C4'" 1 
ATOM   23  O "O4'" . DG  A 1 2 ? -2.463 -5.610 -3.972  1.00 14.22 ? 2 DG  A "O4'" 1 
ATOM   24  C "C3'" . DG  A 1 2 ? -2.654 -5.942 -6.412  1.00 14.14 ? 2 DG  A "C3'" 1 
ATOM   25  O "O3'" . DG  A 1 2 ? -2.428 -4.766 -7.005  1.00 14.81 ? 2 DG  A "O3'" 1 
ATOM   26  C "C2'" . DG  A 1 2 ? -1.452 -6.739 -5.985  1.00 13.47 ? 2 DG  A "C2'" 1 
ATOM   27  C "C1'" . DG  A 1 2 ? -1.167 -5.995 -4.555  1.00 11.63 ? 2 DG  A "C1'" 1 
ATOM   28  N N9    . DG  A 1 2 ? -0.330 -6.805 -3.754  1.00 9.41  ? 2 DG  A N9    1 
ATOM   29  C C8    . DG  A 1 2 ? -0.105 -8.128 -3.829  1.00 9.09  ? 2 DG  A C8    1 
ATOM   30  N N7    . DG  A 1 2 ? 0.769  -8.597 -2.924  1.00 8.90  ? 2 DG  A N7    1 
ATOM   31  C C5    . DG  A 1 2 ? 1.106  -7.428 -2.251  1.00 8.68  ? 2 DG  A C5    1 
ATOM   32  C C6    . DG  A 1 2 ? 2.030  -7.185 -1.193  1.00 7.86  ? 2 DG  A C6    1 
ATOM   33  O O6    . DG  A 1 2 ? 2.659  -8.102 -0.690  1.00 8.95  ? 2 DG  A O6    1 
ATOM   34  N N1    . DG  A 1 2 ? 2.133  -5.989 -0.723  1.00 7.19  ? 2 DG  A N1    1 
ATOM   35  C C2    . DG  A 1 2 ? 1.444  -4.966 -1.244  1.00 7.25  ? 2 DG  A C2    1 
ATOM   36  N N2    . DG  A 1 2 ? 1.543  -3.798 -0.909  1.00 5.59  ? 2 DG  A N2    1 
ATOM   37  N N3    . DG  A 1 2 ? 0.589  -5.084 -2.260  1.00 8.02  ? 2 DG  A N3    1 
ATOM   38  C C4    . DG  A 1 2 ? 0.466  -6.328 -2.716  1.00 8.23  ? 2 DG  A C4    1 
ATOM   39  P P     . DT  A 1 3 ? -3.328 -4.260 -8.238  1.00 13.60 ? 3 DT  A P     1 
ATOM   40  O OP1   . DT  A 1 3 ? -4.580 -3.857 -7.738  1.00 13.91 ? 3 DT  A OP1   1 
ATOM   41  O OP2   . DT  A 1 3 ? -3.443 -5.413 -9.137  1.00 14.25 ? 3 DT  A OP2   1 
ATOM   42  O "O5'" . DT  A 1 3 ? -2.788 -2.845 -8.734  1.00 13.46 ? 3 DT  A "O5'" 1 
ATOM   43  C "C5'" . DT  A 1 3 ? -2.307 -2.177 -7.609  1.00 13.35 ? 3 DT  A "C5'" 1 
ATOM   44  C "C4'" . DT  A 1 3 ? -1.386 -1.140 -8.183  1.00 12.35 ? 3 DT  A "C4'" 1 
ATOM   45  O "O4'" . DT  A 1 3 ? 0.018  -1.171 -8.016  1.00 12.14 ? 3 DT  A "O4'" 1 
ATOM   46  C "C3'" . DT  A 1 3 ? -1.510 -1.132 -9.827  1.00 12.98 ? 3 DT  A "C3'" 1 
ATOM   47  O "O3'" . DT  A 1 3 ? -1.636 0.212  -9.979  1.00 14.57 ? 3 DT  A "O3'" 1 
ATOM   48  C "C2'" . DT  A 1 3 ? -0.366 -1.954 -10.314 1.00 11.52 ? 3 DT  A "C2'" 1 
ATOM   49  C "C1'" . DT  A 1 3 ? 0.699  -1.812 -9.169  1.00 10.26 ? 3 DT  A "C1'" 1 
ATOM   50  N N1    . DT  A 1 3 ? 1.276  -3.159 -8.913  1.00 8.63  ? 3 DT  A N1    1 
ATOM   51  C C2    . DT  A 1 3 ? 2.555  -3.245 -8.438  1.00 7.49  ? 3 DT  A C2    1 
ATOM   52  O O2    . DT  A 1 3 ? 3.133  -2.172 -8.211  1.00 8.31  ? 3 DT  A O2    1 
ATOM   53  N N3    . DT  A 1 3 ? 3.122  -4.485 -8.218  1.00 8.01  ? 3 DT  A N3    1 
ATOM   54  C C4    . DT  A 1 3 ? 2.403  -5.612 -8.515  1.00 6.87  ? 3 DT  A C4    1 
ATOM   55  O O4    . DT  A 1 3 ? 2.989  -6.714 -8.209  1.00 8.12  ? 3 DT  A O4    1 
ATOM   56  C C5    . DT  A 1 3 ? 1.035  -5.596 -9.017  1.00 7.58  ? 3 DT  A C5    1 
ATOM   57  C C7    . DT  A 1 3 ? 0.153  -6.889 -9.421  1.00 7.76  ? 3 DT  A C7    1 
ATOM   58  C C6    . DT  A 1 3 ? 0.570  -4.309 -9.202  1.00 7.93  ? 3 DT  A C6    1 
ATOM   59  P P     . DA  A 1 4 ? -1.725 0.972  -11.412 1.00 16.26 ? 4 DA  A P     1 
ATOM   60  O OP1   . DA  A 1 4 ? -1.685 2.344  -11.089 1.00 15.31 ? 4 DA  A OP1   1 
ATOM   61  O OP2   . DA  A 1 4 ? -2.659 0.160  -12.215 1.00 15.81 ? 4 DA  A OP2   1 
ATOM   62  O "O5'" . DA  A 1 4 ? -0.120 0.744  -11.844 1.00 15.11 ? 4 DA  A "O5'" 1 
ATOM   63  C "C5'" . DA  A 1 4 ? 0.708  1.785  -11.336 1.00 12.86 ? 4 DA  A "C5'" 1 
ATOM   64  C "C4'" . DA  A 1 4 ? 2.165  1.462  -11.742 1.00 11.68 ? 4 DA  A "C4'" 1 
ATOM   65  O "O4'" . DA  A 1 4 ? 2.672  0.275  -11.346 1.00 9.67  ? 4 DA  A "O4'" 1 
ATOM   66  C "C3'" . DA  A 1 4 ? 2.226  1.260  -13.367 1.00 11.54 ? 4 DA  A "C3'" 1 
ATOM   67  O "O3'" . DA  A 1 4 ? 2.440  2.567  -13.681 1.00 13.55 ? 4 DA  A "O3'" 1 
ATOM   68  C "C2'" . DA  A 1 4 ? 3.246  0.142  -13.546 1.00 10.38 ? 4 DA  A "C2'" 1 
ATOM   69  C "C1'" . DA  A 1 4 ? 3.688  -0.326 -12.082 1.00 7.78  ? 4 DA  A "C1'" 1 
ATOM   70  N N9    . DA  A 1 4 ? 3.659  -1.705 -11.908 1.00 6.57  ? 4 DA  A N9    1 
ATOM   71  C C8    . DA  A 1 4 ? 4.696  -2.308 -11.282 1.00 5.80  ? 4 DA  A C8    1 
ATOM   72  N N7    . DA  A 1 4 ? 4.556  -3.652 -11.187 1.00 5.90  ? 4 DA  A N7    1 
ATOM   73  C C5    . DA  A 1 4 ? 3.378  -3.889 -11.822 1.00 5.39  ? 4 DA  A C5    1 
ATOM   74  C C6    . DA  A 1 4 ? 2.673  -5.085 -12.035 1.00 4.48  ? 4 DA  A C6    1 
ATOM   75  N N6    . DA  A 1 4 ? 3.087  -6.329 -11.618 1.00 6.38  ? 4 DA  A N6    1 
ATOM   76  N N1    . DA  A 1 4 ? 1.494  -5.012 -12.661 1.00 5.16  ? 4 DA  A N1    1 
ATOM   77  C C2    . DA  A 1 4 ? 1.062  -3.798 -13.048 1.00 5.28  ? 4 DA  A C2    1 
ATOM   78  N N3    . DA  A 1 4 ? 1.609  -2.567 -12.866 1.00 5.21  ? 4 DA  A N3    1 
ATOM   79  C C4    . DA  A 1 4 ? 2.800  -2.724 -12.259 1.00 5.78  ? 4 DA  A C4    1 
ATOM   80  P P     . DC  A 1 5 ? 2.248  3.134  -15.194 1.00 14.06 ? 5 DC  A P     1 
ATOM   81  O OP1   . DC  A 1 5 ? 3.002  4.336  -15.194 1.00 14.49 ? 5 DC  A OP1   1 
ATOM   82  O OP2   . DC  A 1 5 ? 0.822  2.990  -15.510 1.00 14.42 ? 5 DC  A OP2   1 
ATOM   83  O "O5'" . DC  A 1 5 ? 3.138  2.111  -16.088 1.00 13.18 ? 5 DC  A "O5'" 1 
ATOM   84  C "C5'" . DC  A 1 5 ? 2.673  1.994  -17.476 1.00 11.21 ? 5 DC  A "C5'" 1 
ATOM   85  C "C4'" . DC  A 1 5 ? 3.967  1.914  -18.302 1.00 10.03 ? 5 DC  A "C4'" 1 
ATOM   86  O "O4'" . DC  A 1 5 ? 4.762  0.765  -18.010 1.00 8.90  ? 5 DC  A "O4'" 1 
ATOM   87  C "C3'" . DC  A 1 5 ? 3.736  1.901  -19.875 1.00 10.03 ? 5 DC  A "C3'" 1 
ATOM   88  O "O3'" . DC  A 1 5 ? 3.632  3.297  -20.206 1.00 11.80 ? 5 DC  A "O3'" 1 
ATOM   89  C "C2'" . DC  A 1 5 ? 4.893  1.174  -20.395 1.00 8.98  ? 5 DC  A "C2'" 1 
ATOM   90  C "C1'" . DC  A 1 5 ? 5.413  0.303  -19.168 1.00 8.17  ? 5 DC  A "C1'" 1 
ATOM   91  N N1    . DC  A 1 5 ? 5.025  -1.134 -19.315 1.00 7.27  ? 5 DC  A N1    1 
ATOM   92  C C2    . DC  A 1 5 ? 5.920  -2.061 -18.838 1.00 7.01  ? 5 DC  A C2    1 
ATOM   93  O O2    . DC  A 1 5 ? 6.976  -1.783 -18.320 1.00 7.11  ? 5 DC  A O2    1 
ATOM   94  N N3    . DC  A 1 5 ? 5.586  -3.399 -18.958 1.00 6.46  ? 5 DC  A N3    1 
ATOM   95  C C4    . DC  A 1 5 ? 4.460  -3.859 -19.571 1.00 6.90  ? 5 DC  A C4    1 
ATOM   96  N N4    . DC  A 1 5 ? 4.188  -5.209 -19.661 1.00 6.39  ? 5 DC  A N4    1 
ATOM   97  C C5    . DC  A 1 5 ? 3.539  -2.839 -20.027 1.00 7.28  ? 5 DC  A C5    1 
ATOM   98  C C6    . DC  A 1 5 ? 3.865  -1.546 -19.944 1.00 7.59  ? 5 DC  A C6    1 
ATOM   99  P P     . DG  A 1 6 ? 3.112  3.750  -21.657 1.00 12.34 ? 6 DG  A P     1 
ATOM   100 O OP1   . DG  A 1 6 ? 2.815  5.159  -21.583 1.00 11.43 ? 6 DG  A OP1   1 
ATOM   101 O OP2   . DG  A 1 6 ? 2.307  2.689  -22.089 1.00 10.92 ? 6 DG  A OP2   1 
ATOM   102 O "O5'" . DG  A 1 6 ? 4.489  3.411  -22.551 1.00 11.46 ? 6 DG  A "O5'" 1 
ATOM   103 C "C5'" . DG  A 1 6 ? 5.502  4.471  -22.316 1.00 10.47 ? 6 DG  A "C5'" 1 
ATOM   104 C "C4'" . DG  A 1 6 ? 6.802  4.072  -23.021 1.00 10.78 ? 6 DG  A "C4'" 1 
ATOM   105 O "O4'" . DG  A 1 6 ? 7.220  2.861  -22.335 1.00 9.49  ? 6 DG  A "O4'" 1 
ATOM   106 C "C3'" . DG  A 1 6 ? 6.868  3.608  -24.580 1.00 11.31 ? 6 DG  A "C3'" 1 
ATOM   107 O "O3'" . DG  A 1 6 ? 7.217  4.701  -25.422 1.00 11.91 ? 6 DG  A "O3'" 1 
ATOM   108 C "C2'" . DG  A 1 6 ? 7.759  2.372  -24.630 1.00 10.36 ? 6 DG  A "C2'" 1 
ATOM   109 C "C1'" . DG  A 1 6 ? 7.754  1.875  -23.084 1.00 8.93  ? 6 DG  A "C1'" 1 
ATOM   110 N N9    . DG  A 1 6 ? 7.084  0.664  -23.124 1.00 8.41  ? 6 DG  A N9    1 
ATOM   111 C C8    . DG  A 1 6 ? 6.013  0.314  -23.823 1.00 8.89  ? 6 DG  A C8    1 
ATOM   112 N N7    . DG  A 1 6 ? 5.665  -0.956 -23.680 1.00 8.45  ? 6 DG  A N7    1 
ATOM   113 C C5    . DG  A 1 6 ? 6.623  -1.438 -22.828 1.00 7.70  ? 6 DG  A C5    1 
ATOM   114 C C6    . DG  A 1 6 ? 6.825  -2.743 -22.279 1.00 8.23  ? 6 DG  A C6    1 
ATOM   115 O O6    . DG  A 1 6 ? 6.041  -3.726 -22.533 1.00 8.54  ? 6 DG  A O6    1 
ATOM   116 N N1    . DG  A 1 6 ? 7.833  -2.878 -21.413 1.00 8.03  ? 6 DG  A N1    1 
ATOM   117 C C2    . DG  A 1 6 ? 8.645  -1.853 -21.125 1.00 7.64  ? 6 DG  A C2    1 
ATOM   118 N N2    . DG  A 1 6 ? 9.639  -1.962 -20.360 1.00 7.53  ? 6 DG  A N2    1 
ATOM   119 N N3    . DG  A 1 6 ? 8.536  -0.613 -21.584 1.00 8.21  ? 6 DG  A N3    1 
ATOM   120 C C4    . DG  A 1 6 ? 7.516  -0.511 -22.461 1.00 8.13  ? 6 DG  A C4    1 
HETATM 121 N N     . DSN B 2 1 ? -0.193 -0.842 5.659   1.00 10.31 ? 1 DSN B N     1 
HETATM 122 C CA    . DSN B 2 1 ? -0.220 0.600  5.662   1.00 11.50 ? 1 DSN B CA    1 
HETATM 123 C C     . DSN B 2 1 ? 0.471  1.203  4.407   1.00 11.56 ? 1 DSN B C     1 
HETATM 124 O O     . DSN B 2 1 ? 0.260  2.410  4.061   1.00 12.04 ? 1 DSN B O     1 
HETATM 125 C CB    . DSN B 2 1 ? -1.753 0.853  5.308   1.00 12.37 ? 1 DSN B CB    1 
HETATM 126 O OG    . DSN B 2 1 ? -2.173 0.137  4.146   1.00 13.32 ? 1 DSN B OG    1 
ATOM   127 N N     . ALA B 2 2 ? 1.530  0.549  3.830   1.00 11.68 ? 2 ALA B N     1 
ATOM   128 C CA    . ALA B 2 2 ? 2.455  1.446  3.028   1.00 11.93 ? 2 ALA B CA    1 
ATOM   129 C C     . ALA B 2 2 ? 1.903  1.132  1.597   1.00 12.14 ? 2 ALA B C     1 
ATOM   130 O O     . ALA B 2 2 ? 1.116  0.182  1.438   1.00 11.27 ? 2 ALA B O     1 
ATOM   131 C CB    . ALA B 2 2 ? 3.700  0.496  3.134   1.00 12.66 ? 2 ALA B CB    1 
HETATM 132 N N     . NCY B 2 3 ? 2.267  2.071  0.682   1.00 12.30 ? 3 NCY B N     1 
HETATM 133 C CA    . NCY B 2 3 ? 1.333  1.906  -0.434  1.00 11.95 ? 3 NCY B CA    1 
HETATM 134 C CB    . NCY B 2 3 ? 0.646  3.307  -0.311  1.00 12.15 ? 3 NCY B CB    1 
HETATM 135 S SG    . NCY B 2 3 ? -0.762 3.181  0.675   1.00 12.34 ? 3 NCY B SG    1 
HETATM 136 C CN    . NCY B 2 3 ? 2.986  3.284  0.940   1.00 11.27 ? 3 NCY B CN    1 
HETATM 137 C C     . NCY B 2 3 ? 2.222  1.891  -1.732  1.00 12.17 ? 3 NCY B C     1 
HETATM 138 O O     . NCY B 2 3 ? 2.310  3.007  -2.345  1.00 12.73 ? 3 NCY B O     1 
HETATM 139 N N     . MVA B 2 4 ? 2.981  0.739  -1.961  1.00 11.91 ? 4 MVA B N     1 
HETATM 140 C CN    . MVA B 2 4 ? 2.910  -0.558 -1.355  1.00 12.21 ? 4 MVA B CN    1 
HETATM 141 C CA    . MVA B 2 4 ? 3.993  0.927  -3.067  1.00 11.85 ? 4 MVA B CA    1 
HETATM 142 C CB    . MVA B 2 4 ? 5.365  0.574  -2.446  1.00 11.46 ? 4 MVA B CB    1 
HETATM 143 C CG1   . MVA B 2 4 ? 5.509  1.399  -1.099  1.00 12.20 ? 4 MVA B CG1   1 
HETATM 144 C CG2   . MVA B 2 4 ? 6.403  1.196  -3.459  1.00 11.51 ? 4 MVA B CG2   1 
HETATM 145 C C     . MVA B 2 4 ? 3.657  -0.001 -4.208  1.00 11.06 ? 4 MVA B C     1 
HETATM 146 O O     . MVA B 2 4 ? 4.505  -0.825 -4.636  1.00 11.75 ? 4 MVA B O     1 
HETATM 147 N N     . DSN B 2 5 ? 2.174  -2.926 -4.430  1.00 9.28  ? 5 DSN B N     1 
HETATM 148 C CA    . DSN B 2 5 ? 1.109  -2.131 -4.958  1.00 10.21 ? 5 DSN B CA    1 
HETATM 149 C C     . DSN B 2 5 ? -0.083 -1.696 -4.069  1.00 10.25 ? 5 DSN B C     1 
HETATM 150 O O     . DSN B 2 5 ? -0.567 -0.602 -4.531  1.00 10.34 ? 5 DSN B O     1 
HETATM 151 C CB    . DSN B 2 5 ? 1.623  -0.833 -5.537  1.00 10.22 ? 5 DSN B CB    1 
HETATM 152 O OG    . DSN B 2 5 ? 2.336  -0.232 -4.412  1.00 10.17 ? 5 DSN B OG    1 
ATOM   153 N N     . ALA B 2 6 ? -0.769 -2.611 -3.324  1.00 10.23 ? 6 ALA B N     1 
ATOM   154 C CA    . ALA B 2 6 ? -2.132 -2.311 -2.847  1.00 10.93 ? 6 ALA B CA    1 
ATOM   155 C C     . ALA B 2 6 ? -1.923 -1.109 -1.912  1.00 11.64 ? 6 ALA B C     1 
ATOM   156 O O     . ALA B 2 6 ? -0.789 -0.937 -1.413  1.00 12.30 ? 6 ALA B O     1 
ATOM   157 C CB    . ALA B 2 6 ? -2.447 -3.533 -1.943  1.00 11.01 ? 6 ALA B CB    1 
HETATM 158 N N     . NCY B 2 7 ? -3.022 -0.483 -1.297  1.00 12.31 ? 7 NCY B N     1 
HETATM 159 C CA    . NCY B 2 7 ? -2.691 0.584  -0.309  1.00 13.15 ? 7 NCY B CA    1 
HETATM 160 C CB    . NCY B 2 7 ? -2.946 1.931  -0.853  1.00 13.35 ? 7 NCY B CB    1 
HETATM 161 S SG    . NCY B 2 7 ? -2.497 3.490  -0.037  1.00 14.12 ? 7 NCY B SG    1 
HETATM 162 C CN    . NCY B 2 7 ? -4.278 -0.654 -1.948  1.00 12.09 ? 7 NCY B CN    1 
HETATM 163 C C     . NCY B 2 7 ? -3.732 0.290  0.837   1.00 13.92 ? 7 NCY B C     1 
HETATM 164 O O     . NCY B 2 7 ? -4.655 1.126  1.027   1.00 13.44 ? 7 NCY B O     1 
HETATM 165 N N     . MVA B 2 8 ? -3.278 -0.817 1.602   1.00 14.08 ? 8 MVA B N     1 
HETATM 166 C CN    . MVA B 2 8 ? -1.996 -1.411 1.209   1.00 14.50 ? 8 MVA B CN    1 
HETATM 167 C CA    . MVA B 2 8 ? -3.846 -1.020 2.924   1.00 13.86 ? 8 MVA B CA    1 
HETATM 168 C CB    . MVA B 2 8 ? -4.169 -2.332 3.400   1.00 13.70 ? 8 MVA B CB    1 
HETATM 169 C CG1   . MVA B 2 8 ? -5.314 -2.080 4.412   1.00 13.31 ? 8 MVA B CG1   1 
HETATM 170 C CG2   . MVA B 2 8 ? -4.496 -3.448 2.456   1.00 13.19 ? 8 MVA B CG2   1 
HETATM 171 C C     . MVA B 2 8 ? -3.576 -0.028 3.971   1.00 13.78 ? 8 MVA B C     1 
HETATM 172 O O     . MVA B 2 8 ? -4.386 0.766  4.530   1.00 14.20 ? 8 MVA B O     1 
HETATM 173 N N1    . QUI C 3 . ? -0.695 -3.471 5.599   1.00 7.50  ? 0 QUI B N1    1 
HETATM 174 C C2    . QUI C 3 . ? 0.380  -2.918 6.323   1.00 8.31  ? 0 QUI B C2    1 
HETATM 175 C C3    . QUI C 3 . ? 1.344  -3.687 7.004   1.00 7.81  ? 0 QUI B C3    1 
HETATM 176 N N4    . QUI C 3 . ? 1.232  -5.064 6.934   1.00 7.02  ? 0 QUI B N4    1 
HETATM 177 C C5    . QUI C 3 . ? 0.121  -7.044 6.138   1.00 8.35  ? 0 QUI B C5    1 
HETATM 178 C C6    . QUI C 3 . ? -0.944 -7.650 5.461   1.00 8.47  ? 0 QUI B C6    1 
HETATM 179 C C7    . QUI C 3 . ? -1.926 -6.872 4.854   1.00 8.32  ? 0 QUI B C7    1 
HETATM 180 C C8    . QUI C 3 . ? -1.790 -5.479 4.899   1.00 7.91  ? 0 QUI B C8    1 
HETATM 181 C C9    . QUI C 3 . ? -0.765 -4.861 5.555   1.00 7.26  ? 0 QUI B C9    1 
HETATM 182 C C10   . QUI C 3 . ? 0.191  -5.650 6.201   1.00 7.80  ? 0 QUI B C10   1 
HETATM 183 C C     . QUI C 3 . ? 0.637  -1.496 6.487   1.00 8.80  ? 0 QUI B C     1 
HETATM 184 O O1    . QUI C 3 . ? 1.529  -0.950 7.164   1.00 9.11  ? 0 QUI B O1    1 
HETATM 185 N N1    . QUI D 3 . ? 3.966  -4.292 -3.494  1.00 7.09  ? 9 QUI B N1    1 
HETATM 186 C C2    . QUI D 3 . ? 3.094  -5.089 -4.220  1.00 8.21  ? 9 QUI B C2    1 
HETATM 187 C C3    . QUI D 3 . ? 3.228  -6.477 -4.308  1.00 7.71  ? 9 QUI B C3    1 
HETATM 188 N N4    . QUI D 3 . ? 4.252  -7.167 -3.679  1.00 6.59  ? 9 QUI B N4    1 
HETATM 189 C C5    . QUI D 3 . ? 6.240  -7.004 -2.321  1.00 6.93  ? 9 QUI B C5    1 
HETATM 190 C C6    . QUI D 3 . ? 7.107  -6.166 -1.609  1.00 6.57  ? 9 QUI B C6    1 
HETATM 191 C C7    . QUI D 3 . ? 6.915  -4.826 -1.527  1.00 6.57  ? 9 QUI B C7    1 
HETATM 192 C C8    . QUI D 3 . ? 5.874  -4.133 -2.166  1.00 6.49  ? 9 QUI B C8    1 
HETATM 193 C C9    . QUI D 3 . ? 5.016  -4.960 -2.878  1.00 6.84  ? 9 QUI B C9    1 
HETATM 194 C C10   . QUI D 3 . ? 5.156  -6.353 -2.993  1.00 6.81  ? 9 QUI B C10   1 
HETATM 195 C C     . QUI D 3 . ? 2.027  -4.190 -4.829  1.00 8.94  ? 9 QUI B C     1 
HETATM 196 O O1    . QUI D 3 . ? 1.336  -4.776 -5.670  1.00 9.74  ? 9 QUI B O1    1 
# 
